data_6THH
#
_entry.id   6THH
#
_cell.length_a   157.990
_cell.length_b   157.990
_cell.length_c   130.240
_cell.angle_alpha   90.000
_cell.angle_beta   90.000
_cell.angle_gamma   90.000
#
_symmetry.space_group_name_H-M   'P 43 21 2'
#
loop_
_entity.id
_entity.type
_entity.pdbx_description
1 polymer 'SIRV3 AcrID1 (gp02) anti-CRISPR protein'
2 polymer 'CRISPR-associated protein, CscA'
3 non-polymer 'PHOSPHATE ION'
4 non-polymer 'ZINC ION'
#
loop_
_entity_poly.entity_id
_entity_poly.type
_entity_poly.pdbx_seq_one_letter_code
_entity_poly.pdbx_strand_id
1 'polypeptide(L)'
;MNYKELEKMLDVIFENSEIKEIDLFFDPEVEISKQEFEDLVKNADPLQKVVGDNYITETFEWWEFENQYLEFELDYYVKD
EKIFVLEMHFWRKIRKLEHHHHHH
;
A,B
2 'polypeptide(L)'
;(MSE)RNLKRIV(MSE)GENKLIGLVRTALDSITLGQGVNEAKIKSPQSYAFHTISVGTISLDICKAIYSSSEIGRKQLE
NLSKKYN(MSE)PFEDLWFYGGFLHDWNKLSGKEESLENKEELTKKIIDKLKLPNEFLHGIST(MSE)AEGHLPDNLHLP
LWVSIKLAD(MSE)LLISDIGSVRDVFYFANSDSYRNAIEALKEYNLELNYVSSTFRLFTLIASKELLNDVFNEKSGYFP
LISYADGIVFLKRKNSQPVLLSKIVDLLSRQVFSSSSEVIEEKISDIEKCIKNKEELFRQ(MSE)NIDVKSAIYDEEGKV
KQINAFLPTKVCKPFEDVVGNLDNKSKLQVAREVIERNRKDIPFGLLIYFVNKFSKNEEDYIRKGLGINEKSLKYLLNIG
DVQKALDKILELLEKRYAEQSSDKTLLYYVKFSSSGNIIDDLPKITDRPNDYCVVCG(MSE)PIYSSNPVRFVQYASELG
GRAEIWIPREKALDEIDNVRDDWKVCPICIYEANL(MSE)KDRVKPPYFIVTFYPGVPISLLNIIDFDFSQSSIKYYIDE
EKDTYFTAFEK(MSE)GGRLEPYVKKVLPAYFSSKVIIKASEVSNFSLSTRLSKSELNKLLPYAP(MSE)IS(MSE)IFL
TSPVLISSNLYE(MSE)PIAHERVISITSTYNYTF(MSE)KSLNSNLLTLYSIFAYSAKYDA(MSE)RKICGRSDLDNCL
GYLTEE(MSE)DLYSSVDPALGVLSIG(MSE)GVGTPIDTDEKFFSAFLPVSGYLLKVTGKVSK(MSE)GETLKSSIFSI
AYALKDIIKSQKVSKYDVTGFLRDGVD(MSE)FFKTTSVIKDKEDRIGISVNAAISSLENKYALDDQHRAQVYSALQDIF
KTLYSIEEESDRSLAISIANTLSNWLYIAYKLVLQGDKSLEHHHHHH
;
C
#
loop_
_chem_comp.id
_chem_comp.type
_chem_comp.name
_chem_comp.formula
PO4 non-polymer 'PHOSPHATE ION' 'O4 P -3'
ZN non-polymer 'ZINC ION' 'Zn 2'
#
# COMPACT_ATOMS: atom_id res chain seq x y z
N MET A 1 -35.92 2.99 14.33
CA MET A 1 -34.49 2.99 14.09
C MET A 1 -33.73 2.45 15.30
N ASN A 2 -32.84 1.50 15.05
CA ASN A 2 -32.06 0.85 16.09
C ASN A 2 -30.58 1.17 15.91
N TYR A 3 -29.75 0.64 16.82
CA TYR A 3 -28.32 0.89 16.74
C TYR A 3 -27.70 0.25 15.52
N LYS A 4 -28.31 -0.80 14.97
CA LYS A 4 -27.79 -1.43 13.76
C LYS A 4 -27.79 -0.43 12.59
N GLU A 5 -28.79 0.45 12.54
CA GLU A 5 -28.80 1.49 11.52
C GLU A 5 -27.89 2.65 11.89
N LEU A 6 -27.89 3.06 13.16
CA LEU A 6 -27.06 4.18 13.58
C LEU A 6 -25.58 3.84 13.50
N GLU A 7 -25.22 2.57 13.73
CA GLU A 7 -23.81 2.17 13.62
C GLU A 7 -23.30 2.32 12.20
N LYS A 8 -24.16 2.08 11.20
CA LYS A 8 -23.76 2.25 9.82
C LYS A 8 -23.44 3.70 9.50
N MET A 9 -24.11 4.64 10.19
CA MET A 9 -23.82 6.07 10.01
C MET A 9 -22.66 6.54 10.87
N LEU A 10 -22.40 5.86 11.99
CA LEU A 10 -21.29 6.27 12.86
C LEU A 10 -19.95 5.76 12.35
N ASP A 11 -19.93 4.58 11.72
CA ASP A 11 -18.69 4.07 11.14
C ASP A 11 -18.10 5.05 10.13
N VAL A 12 -18.96 5.76 9.39
CA VAL A 12 -18.48 6.76 8.44
C VAL A 12 -17.85 7.93 9.17
N ILE A 13 -18.45 8.33 10.30
CA ILE A 13 -17.95 9.51 11.03
C ILE A 13 -16.61 9.20 11.68
N PHE A 14 -16.42 7.98 12.17
CA PHE A 14 -15.17 7.63 12.83
C PHE A 14 -14.02 7.46 11.85
N GLU A 15 -14.30 6.94 10.64
CA GLU A 15 -13.23 6.65 9.70
C GLU A 15 -12.75 7.91 8.99
N ASN A 16 -13.66 8.71 8.46
CA ASN A 16 -13.32 9.88 7.66
C ASN A 16 -13.08 11.07 8.59
N SER A 17 -11.83 11.52 8.68
CA SER A 17 -11.49 12.67 9.49
C SER A 17 -11.83 13.99 8.82
N GLU A 18 -12.29 13.97 7.57
CA GLU A 18 -12.66 15.20 6.89
C GLU A 18 -13.93 15.81 7.46
N ILE A 19 -14.78 15.02 8.10
CA ILE A 19 -16.02 15.52 8.71
C ILE A 19 -15.65 16.36 9.93
N LYS A 20 -15.68 17.68 9.77
CA LYS A 20 -15.27 18.58 10.84
C LYS A 20 -16.32 18.66 11.94
N GLU A 21 -17.60 18.67 11.57
CA GLU A 21 -18.68 18.73 12.54
C GLU A 21 -19.95 18.17 11.89
N ILE A 22 -20.71 17.40 12.66
CA ILE A 22 -21.97 16.83 12.19
C ILE A 22 -22.95 16.81 13.36
N ASP A 23 -24.18 17.28 13.11
CA ASP A 23 -25.22 17.34 14.13
C ASP A 23 -26.38 16.45 13.72
N LEU A 24 -26.79 15.56 14.61
CA LEU A 24 -27.88 14.62 14.36
C LEU A 24 -29.04 14.92 15.31
N PHE A 25 -30.25 14.96 14.77
CA PHE A 25 -31.46 15.19 15.54
C PHE A 25 -32.48 14.13 15.19
N PHE A 26 -33.05 13.49 16.22
CA PHE A 26 -33.95 12.36 16.04
C PHE A 26 -35.37 12.73 16.45
N ASP A 27 -36.34 12.15 15.75
CA ASP A 27 -37.75 12.27 16.09
C ASP A 27 -38.53 11.15 15.40
N PRO A 28 -38.92 10.10 16.14
CA PRO A 28 -38.69 9.90 17.57
C PRO A 28 -37.24 9.53 17.92
N GLU A 29 -36.98 9.26 19.20
CA GLU A 29 -35.63 9.01 19.65
C GLU A 29 -35.15 7.63 19.20
N VAL A 30 -33.84 7.54 18.98
CA VAL A 30 -33.21 6.26 18.64
C VAL A 30 -33.01 5.45 19.92
N GLU A 31 -33.48 4.21 19.90
CA GLU A 31 -33.42 3.34 21.07
C GLU A 31 -32.19 2.45 20.98
N ILE A 32 -31.33 2.52 21.99
CA ILE A 32 -30.13 1.70 22.08
C ILE A 32 -30.09 1.07 23.46
N SER A 33 -29.30 0.01 23.58
CA SER A 33 -29.12 -0.67 24.85
C SER A 33 -28.00 0.01 25.65
N LYS A 34 -27.99 -0.28 26.96
CA LYS A 34 -26.90 0.19 27.80
C LYS A 34 -25.57 -0.42 27.38
N GLN A 35 -25.60 -1.62 26.80
CA GLN A 35 -24.37 -2.27 26.34
C GLN A 35 -23.83 -1.57 25.10
N GLU A 36 -24.69 -1.29 24.12
CA GLU A 36 -24.25 -0.59 22.91
C GLU A 36 -23.80 0.83 23.23
N PHE A 37 -24.40 1.44 24.26
CA PHE A 37 -23.95 2.76 24.71
C PHE A 37 -22.58 2.68 25.38
N GLU A 38 -22.30 1.57 26.09
CA GLU A 38 -21.00 1.42 26.73
C GLU A 38 -19.91 1.14 25.70
N ASP A 39 -20.24 0.38 24.65
CA ASP A 39 -19.24 0.07 23.62
C ASP A 39 -18.90 1.28 22.76
N LEU A 40 -19.79 2.26 22.68
CA LEU A 40 -19.53 3.49 21.95
C LEU A 40 -18.69 4.49 22.76
N VAL A 41 -18.30 4.15 23.97
CA VAL A 41 -17.72 5.12 24.90
C VAL A 41 -16.46 4.58 25.56
N LYS A 42 -16.37 3.25 25.67
CA LYS A 42 -15.35 2.61 26.52
C LYS A 42 -13.94 3.11 26.24
N ASN A 43 -13.66 3.57 25.03
CA ASN A 43 -12.32 4.02 24.66
C ASN A 43 -12.17 5.53 24.68
N ALA A 44 -13.23 6.27 24.96
CA ALA A 44 -13.19 7.73 25.00
C ALA A 44 -13.06 8.24 26.43
N ASP A 45 -12.59 9.48 26.54
CA ASP A 45 -12.49 10.13 27.84
C ASP A 45 -13.80 10.86 28.13
N PRO A 46 -14.48 10.57 29.23
CA PRO A 46 -15.66 11.36 29.60
C PRO A 46 -15.24 12.68 30.22
N LEU A 47 -16.03 13.72 29.93
CA LEU A 47 -15.70 15.07 30.40
C LEU A 47 -16.81 15.74 31.19
N GLN A 48 -18.07 15.42 30.92
CA GLN A 48 -19.17 16.16 31.55
C GLN A 48 -20.45 15.35 31.47
N LYS A 49 -21.16 15.26 32.60
CA LYS A 49 -22.50 14.68 32.66
C LYS A 49 -23.38 15.62 33.49
N VAL A 50 -24.43 16.14 32.87
CA VAL A 50 -25.39 16.99 33.56
C VAL A 50 -26.79 16.41 33.34
N VAL A 51 -27.59 16.42 34.40
CA VAL A 51 -28.92 15.82 34.38
C VAL A 51 -29.92 16.96 34.23
N GLY A 52 -30.44 17.12 33.02
CA GLY A 52 -31.49 18.08 32.77
C GLY A 52 -32.80 17.67 33.42
N ASP A 53 -33.83 18.48 33.17
CA ASP A 53 -35.15 18.20 33.73
C ASP A 53 -35.65 16.84 33.25
N ASN A 54 -35.46 16.53 31.97
CA ASN A 54 -35.80 15.21 31.44
C ASN A 54 -34.87 14.80 30.30
N TYR A 55 -33.62 15.27 30.34
CA TYR A 55 -32.66 14.97 29.28
C TYR A 55 -31.26 15.03 29.87
N ILE A 56 -30.64 13.88 30.04
CA ILE A 56 -29.28 13.82 30.58
C ILE A 56 -28.29 13.99 29.45
N THR A 57 -27.39 14.95 29.61
CA THR A 57 -26.42 15.33 28.57
C THR A 57 -25.02 14.89 29.00
N GLU A 58 -24.39 14.06 28.19
CA GLU A 58 -23.06 13.52 28.49
C GLU A 58 -22.17 13.68 27.26
N THR A 59 -20.90 14.03 27.49
CA THR A 59 -19.97 14.29 26.40
C THR A 59 -18.71 13.45 26.60
N PHE A 60 -18.05 13.14 25.48
CA PHE A 60 -16.86 12.29 25.46
C PHE A 60 -15.87 12.83 24.43
N GLU A 61 -14.69 12.21 24.38
CA GLU A 61 -13.63 12.70 23.51
C GLU A 61 -12.66 11.57 23.19
N TRP A 62 -12.31 11.45 21.91
CA TRP A 62 -11.25 10.57 21.45
C TRP A 62 -10.07 11.40 20.96
N TRP A 63 -8.87 10.86 21.13
CA TRP A 63 -7.68 11.45 20.54
C TRP A 63 -7.46 10.80 19.17
N GLU A 64 -7.44 11.63 18.13
CA GLU A 64 -7.21 11.13 16.78
C GLU A 64 -5.73 11.15 16.41
N PHE A 65 -5.14 12.34 16.33
CA PHE A 65 -3.74 12.49 15.98
C PHE A 65 -3.28 13.89 16.36
N GLU A 66 -1.98 14.00 16.64
CA GLU A 66 -1.36 15.29 16.96
C GLU A 66 -2.08 16.00 18.10
N ASN A 67 -2.75 17.10 17.78
CA ASN A 67 -3.51 17.87 18.76
C ASN A 67 -4.98 17.98 18.37
N GLN A 68 -5.47 17.07 17.53
CA GLN A 68 -6.85 17.06 17.07
C GLN A 68 -7.61 15.97 17.81
N TYR A 69 -8.68 16.36 18.51
CA TYR A 69 -9.52 15.44 19.26
C TYR A 69 -10.91 15.42 18.65
N LEU A 70 -11.54 14.23 18.66
CA LEU A 70 -12.91 14.07 18.22
C LEU A 70 -13.81 14.08 19.45
N GLU A 71 -14.54 15.18 19.63
CA GLU A 71 -15.48 15.30 20.75
C GLU A 71 -16.87 14.86 20.33
N PHE A 72 -17.67 14.47 21.33
CA PHE A 72 -18.96 13.84 21.07
C PHE A 72 -19.82 13.96 22.32
N GLU A 73 -21.01 14.56 22.17
CA GLU A 73 -21.93 14.74 23.28
C GLU A 73 -23.30 14.17 22.93
N LEU A 74 -24.04 13.77 23.96
CA LEU A 74 -25.33 13.12 23.79
C LEU A 74 -26.41 13.86 24.55
N ASP A 75 -27.65 13.68 24.08
CA ASP A 75 -28.86 14.09 24.79
C ASP A 75 -29.79 12.88 24.78
N TYR A 76 -30.05 12.30 25.94
CA TYR A 76 -30.80 11.06 26.00
C TYR A 76 -31.59 10.98 27.31
N TYR A 77 -32.35 9.90 27.46
CA TYR A 77 -33.04 9.58 28.69
C TYR A 77 -33.21 8.07 28.76
N VAL A 78 -33.40 7.56 29.98
CA VAL A 78 -33.38 6.13 30.25
C VAL A 78 -34.69 5.71 30.87
N LYS A 79 -35.16 4.51 30.50
CA LYS A 79 -36.31 3.89 31.13
C LYS A 79 -36.23 2.38 30.87
N ASP A 80 -36.32 1.59 31.93
CA ASP A 80 -36.21 0.12 31.85
C ASP A 80 -34.90 -0.30 31.20
N GLU A 81 -33.82 0.37 31.59
CA GLU A 81 -32.47 0.17 31.06
C GLU A 81 -32.37 0.41 29.56
N LYS A 82 -33.43 0.90 28.93
CA LYS A 82 -33.39 1.27 27.52
C LYS A 82 -33.00 2.74 27.40
N ILE A 83 -32.14 3.04 26.43
CA ILE A 83 -31.60 4.38 26.25
C ILE A 83 -32.17 4.97 24.96
N PHE A 84 -32.95 6.04 25.10
CA PHE A 84 -33.52 6.76 23.97
C PHE A 84 -32.73 8.04 23.75
N VAL A 85 -32.15 8.17 22.56
CA VAL A 85 -31.24 9.27 22.25
C VAL A 85 -32.02 10.38 21.56
N LEU A 86 -32.01 11.58 22.14
CA LEU A 86 -32.69 12.72 21.54
C LEU A 86 -31.91 13.26 20.34
N GLU A 87 -30.62 13.54 20.54
CA GLU A 87 -29.79 14.13 19.48
C GLU A 87 -28.34 13.74 19.73
N MET A 88 -27.53 13.90 18.68
CA MET A 88 -26.11 13.55 18.73
C MET A 88 -25.29 14.64 18.06
N HIS A 89 -24.13 14.93 18.64
CA HIS A 89 -23.23 15.96 18.13
C HIS A 89 -21.81 15.41 18.05
N PHE A 90 -21.17 15.59 16.89
CA PHE A 90 -19.77 15.25 16.69
C PHE A 90 -19.04 16.44 16.09
N TRP A 91 -17.84 16.72 16.60
CA TRP A 91 -17.00 17.76 16.02
C TRP A 91 -15.56 17.52 16.45
N ARG A 92 -14.64 17.99 15.62
CA ARG A 92 -13.21 17.78 15.83
C ARG A 92 -12.56 19.11 16.20
N LYS A 93 -11.91 19.15 17.36
CA LYS A 93 -11.38 20.37 17.93
C LYS A 93 -9.86 20.29 18.06
N ILE A 94 -9.20 21.41 17.76
CA ILE A 94 -7.76 21.54 17.99
C ILE A 94 -7.56 21.92 19.45
N ARG A 95 -6.98 21.00 20.23
CA ARG A 95 -6.83 21.18 21.66
C ARG A 95 -5.34 21.22 22.03
N LYS A 96 -4.94 22.28 22.73
CA LYS A 96 -3.56 22.43 23.18
C LYS A 96 -3.34 21.66 24.49
N MET B 1 -12.16 12.22 1.03
CA MET B 1 -13.22 11.29 1.39
C MET B 1 -13.87 10.69 0.16
N ASN B 2 -13.81 9.36 0.05
CA ASN B 2 -14.43 8.67 -1.08
C ASN B 2 -15.95 8.83 -1.01
N TYR B 3 -16.56 9.14 -2.16
CA TYR B 3 -18.01 9.25 -2.23
C TYR B 3 -18.70 7.95 -1.88
N LYS B 4 -18.00 6.82 -1.99
CA LYS B 4 -18.57 5.54 -1.57
C LYS B 4 -18.94 5.57 -0.10
N GLU B 5 -18.09 6.16 0.75
CA GLU B 5 -18.37 6.20 2.18
C GLU B 5 -19.39 7.26 2.54
N LEU B 6 -19.41 8.39 1.81
CA LEU B 6 -20.44 9.40 2.05
C LEU B 6 -21.81 8.88 1.67
N GLU B 7 -21.91 8.15 0.56
CA GLU B 7 -23.18 7.54 0.17
C GLU B 7 -23.59 6.44 1.15
N LYS B 8 -22.60 5.78 1.78
CA LYS B 8 -22.92 4.80 2.82
C LYS B 8 -23.63 5.46 4.00
N MET B 9 -23.36 6.73 4.25
CA MET B 9 -24.01 7.46 5.33
C MET B 9 -25.33 8.09 4.89
N LEU B 10 -25.39 8.63 3.67
CA LEU B 10 -26.60 9.28 3.20
C LEU B 10 -27.75 8.30 2.99
N ASP B 11 -27.43 7.04 2.69
CA ASP B 11 -28.49 6.04 2.53
C ASP B 11 -29.28 5.85 3.81
N VAL B 12 -28.62 6.00 4.97
CA VAL B 12 -29.35 5.87 6.24
C VAL B 12 -30.32 7.03 6.42
N ILE B 13 -30.00 8.20 5.87
CA ILE B 13 -30.90 9.35 6.01
C ILE B 13 -32.11 9.18 5.10
N PHE B 14 -31.91 8.65 3.89
CA PHE B 14 -33.03 8.41 2.99
C PHE B 14 -33.94 7.29 3.50
N GLU B 15 -33.40 6.33 4.24
CA GLU B 15 -34.14 5.14 4.64
C GLU B 15 -34.68 5.19 6.05
N ASN B 16 -34.35 6.22 6.83
CA ASN B 16 -34.82 6.34 8.22
C ASN B 16 -35.49 7.70 8.39
N SER B 17 -36.82 7.69 8.44
CA SER B 17 -37.57 8.92 8.67
C SER B 17 -37.43 9.44 10.10
N GLU B 18 -36.93 8.62 11.02
CA GLU B 18 -36.67 9.10 12.38
C GLU B 18 -35.64 10.21 12.40
N ILE B 19 -34.77 10.27 11.40
CA ILE B 19 -33.80 11.35 11.25
C ILE B 19 -34.54 12.63 10.92
N LYS B 20 -34.71 13.51 11.91
CA LYS B 20 -35.45 14.74 11.66
C LYS B 20 -34.61 15.76 10.90
N GLU B 21 -33.38 15.99 11.34
CA GLU B 21 -32.48 16.87 10.61
C GLU B 21 -31.03 16.50 10.91
N ILE B 22 -30.16 16.76 9.92
CA ILE B 22 -28.74 16.49 10.05
C ILE B 22 -27.98 17.64 9.38
N ASP B 23 -27.02 18.22 10.11
CA ASP B 23 -26.15 19.27 9.61
C ASP B 23 -24.71 18.80 9.74
N LEU B 24 -24.03 18.62 8.61
CA LEU B 24 -22.65 18.13 8.60
C LEU B 24 -21.78 19.09 7.79
N PHE B 25 -20.54 19.25 8.23
CA PHE B 25 -19.60 20.19 7.64
C PHE B 25 -18.28 19.49 7.34
N PHE B 26 -17.72 19.77 6.17
CA PHE B 26 -16.50 19.12 5.70
C PHE B 26 -15.33 20.08 5.77
N ASP B 27 -14.19 19.57 6.24
CA ASP B 27 -12.93 20.31 6.26
C ASP B 27 -11.77 19.32 6.25
N PRO B 28 -11.05 19.16 5.13
CA PRO B 28 -11.23 19.88 3.86
C PRO B 28 -12.50 19.46 3.10
N GLU B 29 -12.77 20.14 1.99
CA GLU B 29 -13.94 19.84 1.19
C GLU B 29 -13.86 18.44 0.60
N VAL B 30 -15.01 17.83 0.42
CA VAL B 30 -15.12 16.51 -0.19
C VAL B 30 -15.35 16.68 -1.69
N GLU B 31 -14.54 16.00 -2.49
CA GLU B 31 -14.62 16.11 -3.95
C GLU B 31 -15.44 14.95 -4.51
N ILE B 32 -16.38 15.28 -5.40
CA ILE B 32 -17.18 14.30 -6.11
C ILE B 32 -17.31 14.73 -7.56
N SER B 33 -17.62 13.79 -8.43
CA SER B 33 -17.76 14.08 -9.84
C SER B 33 -19.14 14.63 -10.14
N LYS B 34 -19.30 15.15 -11.37
CA LYS B 34 -20.62 15.63 -11.79
C LYS B 34 -21.64 14.50 -11.83
N GLN B 35 -21.20 13.28 -12.18
CA GLN B 35 -22.11 12.15 -12.21
C GLN B 35 -22.51 11.72 -10.81
N GLU B 36 -21.57 11.78 -9.86
CA GLU B 36 -21.89 11.42 -8.49
C GLU B 36 -22.86 12.41 -7.86
N PHE B 37 -22.72 13.69 -8.19
CA PHE B 37 -23.65 14.69 -7.66
C PHE B 37 -25.00 14.61 -8.33
N GLU B 38 -25.03 14.33 -9.64
CA GLU B 38 -26.30 14.22 -10.35
C GLU B 38 -27.05 12.97 -9.93
N ASP B 39 -26.34 11.87 -9.67
CA ASP B 39 -26.98 10.65 -9.21
C ASP B 39 -27.64 10.80 -7.85
N LEU B 40 -27.20 11.78 -7.05
CA LEU B 40 -27.83 12.02 -5.76
C LEU B 40 -29.14 12.78 -5.90
N VAL B 41 -29.20 13.74 -6.83
CA VAL B 41 -30.37 14.57 -7.01
C VAL B 41 -31.09 14.25 -8.32
N LYS B 42 -30.76 13.12 -8.96
CA LYS B 42 -31.45 12.74 -10.19
C LYS B 42 -32.95 12.59 -9.98
N ASN B 43 -33.35 12.18 -8.78
CA ASN B 43 -34.75 11.94 -8.46
C ASN B 43 -35.31 12.99 -7.51
N ALA B 44 -34.68 14.16 -7.43
CA ALA B 44 -35.08 15.22 -6.53
C ALA B 44 -35.87 16.29 -7.29
N ASP B 45 -36.50 17.18 -6.53
CA ASP B 45 -37.17 18.35 -7.07
C ASP B 45 -36.34 19.58 -6.77
N PRO B 46 -35.60 20.13 -7.73
CA PRO B 46 -34.77 21.31 -7.45
C PRO B 46 -35.62 22.50 -7.05
N LEU B 47 -35.08 23.32 -6.15
CA LEU B 47 -35.78 24.49 -5.64
C LEU B 47 -35.07 25.79 -5.99
N GLN B 48 -33.81 25.96 -5.57
CA GLN B 48 -33.11 27.21 -5.80
C GLN B 48 -31.63 26.96 -6.02
N LYS B 49 -30.96 27.97 -6.58
CA LYS B 49 -29.51 28.02 -6.65
C LYS B 49 -29.07 29.46 -6.37
N VAL B 50 -27.99 29.59 -5.60
CA VAL B 50 -27.48 30.89 -5.19
C VAL B 50 -26.00 30.92 -5.54
N VAL B 51 -25.62 31.76 -6.49
CA VAL B 51 -24.22 31.88 -6.94
C VAL B 51 -23.55 32.88 -6.00
N GLY B 52 -23.01 32.37 -4.91
CA GLY B 52 -22.31 33.20 -3.96
C GLY B 52 -20.99 33.72 -4.51
N ASP B 53 -20.29 34.48 -3.67
CA ASP B 53 -19.01 35.06 -4.08
C ASP B 53 -18.01 33.98 -4.45
N ASN B 54 -17.91 32.92 -3.65
CA ASN B 54 -17.05 31.79 -3.97
C ASN B 54 -17.65 30.51 -3.39
N TYR B 55 -18.96 30.38 -3.46
CA TYR B 55 -19.65 29.19 -2.94
C TYR B 55 -21.02 29.13 -3.58
N ILE B 56 -21.33 28.01 -4.22
CA ILE B 56 -22.63 27.82 -4.87
C ILE B 56 -23.55 27.08 -3.90
N THR B 57 -24.68 27.70 -3.59
CA THR B 57 -25.66 27.12 -2.67
C THR B 57 -26.87 26.64 -3.48
N GLU B 58 -27.22 25.37 -3.32
CA GLU B 58 -28.38 24.79 -3.98
C GLU B 58 -29.28 24.12 -2.94
N THR B 59 -30.57 24.08 -3.24
CA THR B 59 -31.57 23.49 -2.36
C THR B 59 -32.47 22.55 -3.15
N PHE B 60 -32.73 21.38 -2.59
CA PHE B 60 -33.56 20.36 -3.21
C PHE B 60 -34.58 19.84 -2.20
N GLU B 61 -35.57 19.11 -2.69
CA GLU B 61 -36.55 18.49 -1.82
C GLU B 61 -37.13 17.26 -2.51
N TRP B 62 -37.50 16.28 -1.68
CA TRP B 62 -38.20 15.09 -2.14
C TRP B 62 -39.54 15.00 -1.41
N TRP B 63 -40.41 14.15 -1.92
CA TRP B 63 -41.70 13.87 -1.29
C TRP B 63 -41.72 12.46 -0.75
N GLU B 64 -42.30 12.28 0.44
CA GLU B 64 -42.30 11.00 1.13
C GLU B 64 -43.72 10.64 1.55
N PHE B 65 -44.22 9.51 1.06
CA PHE B 65 -45.51 8.88 1.37
C PHE B 65 -46.69 9.83 1.59
N GLU B 66 -46.55 10.81 2.47
CA GLU B 66 -47.72 11.61 2.85
C GLU B 66 -47.45 13.11 2.69
N ASN B 67 -47.79 13.88 3.71
CA ASN B 67 -47.55 15.32 3.73
C ASN B 67 -46.15 15.68 4.18
N GLN B 68 -45.23 14.71 4.17
CA GLN B 68 -43.88 14.87 4.70
C GLN B 68 -42.88 14.98 3.56
N TYR B 69 -42.04 16.00 3.60
CA TYR B 69 -41.01 16.22 2.60
C TYR B 69 -39.63 16.15 3.25
N LEU B 70 -38.62 15.82 2.45
CA LEU B 70 -37.24 15.77 2.89
C LEU B 70 -36.46 16.87 2.18
N GLU B 71 -35.98 17.85 2.95
CA GLU B 71 -35.24 18.97 2.39
C GLU B 71 -33.75 18.68 2.35
N PHE B 72 -33.07 19.33 1.40
CA PHE B 72 -31.64 19.18 1.24
C PHE B 72 -31.04 20.50 0.78
N GLU B 73 -29.95 20.90 1.43
CA GLU B 73 -29.22 22.11 1.07
C GLU B 73 -27.73 21.81 1.15
N LEU B 74 -26.97 22.31 0.18
CA LEU B 74 -25.53 22.12 0.18
C LEU B 74 -24.86 23.34 -0.42
N ASP B 75 -23.66 23.65 0.08
CA ASP B 75 -22.81 24.70 -0.46
C ASP B 75 -21.58 24.06 -1.07
N TYR B 76 -21.22 24.48 -2.29
CA TYR B 76 -20.13 23.85 -3.01
C TYR B 76 -19.51 24.83 -4.00
N TYR B 77 -18.45 24.38 -4.65
CA TYR B 77 -17.83 25.08 -5.76
C TYR B 77 -17.19 24.04 -6.68
N VAL B 78 -16.94 24.44 -7.92
CA VAL B 78 -16.41 23.56 -8.95
C VAL B 78 -14.97 23.93 -9.24
N LYS B 79 -14.14 22.90 -9.47
CA LYS B 79 -12.74 23.10 -9.86
C LYS B 79 -12.29 21.86 -10.62
N ASP B 80 -11.78 22.06 -11.83
CA ASP B 80 -11.29 20.98 -12.69
C ASP B 80 -12.38 19.92 -12.91
N GLU B 81 -13.62 20.39 -13.10
CA GLU B 81 -14.79 19.56 -13.37
C GLU B 81 -15.12 18.59 -12.23
N LYS B 82 -14.48 18.74 -11.08
CA LYS B 82 -14.89 18.06 -9.86
C LYS B 82 -15.62 19.04 -8.95
N ILE B 83 -16.50 18.49 -8.11
CA ILE B 83 -17.34 19.28 -7.22
C ILE B 83 -16.83 19.15 -5.80
N PHE B 84 -16.44 20.26 -5.19
CA PHE B 84 -15.96 20.31 -3.82
C PHE B 84 -17.07 20.87 -2.93
N VAL B 85 -17.53 20.05 -1.99
CA VAL B 85 -18.67 20.40 -1.14
C VAL B 85 -18.18 20.99 0.16
N LEU B 86 -18.75 22.13 0.55
CA LEU B 86 -18.40 22.79 1.80
C LEU B 86 -19.20 22.27 2.98
N GLU B 87 -20.50 22.06 2.82
CA GLU B 87 -21.35 21.57 3.90
C GLU B 87 -22.65 21.05 3.30
N MET B 88 -23.32 20.19 4.07
CA MET B 88 -24.60 19.63 3.67
C MET B 88 -25.60 19.78 4.80
N HIS B 89 -26.87 19.91 4.43
CA HIS B 89 -27.96 20.07 5.40
C HIS B 89 -29.16 19.26 4.96
N PHE B 90 -29.73 18.52 5.91
CA PHE B 90 -30.97 17.76 5.68
C PHE B 90 -31.94 18.07 6.81
N TRP B 91 -33.23 18.14 6.47
CA TRP B 91 -34.28 18.24 7.47
C TRP B 91 -35.61 17.87 6.82
N ARG B 92 -36.52 17.33 7.63
CA ARG B 92 -37.81 16.87 7.15
C ARG B 92 -38.89 17.85 7.58
N LYS B 93 -39.76 18.21 6.63
CA LYS B 93 -40.80 19.21 6.83
C LYS B 93 -42.15 18.63 6.43
N ILE B 94 -43.18 18.95 7.22
CA ILE B 94 -44.55 18.52 6.96
C ILE B 94 -45.39 19.76 6.69
N ARG B 95 -46.03 19.81 5.52
CA ARG B 95 -46.90 20.91 5.13
C ARG B 95 -47.69 20.48 3.90
N LYS B 96 -48.82 21.15 3.69
CA LYS B 96 -49.68 20.88 2.54
C LYS B 96 -48.92 21.05 1.22
N MSE C 1 -9.72 6.66 13.08
CA MSE C 1 -9.63 5.33 13.69
C MSE C 1 -10.82 4.47 13.29
O MSE C 1 -11.97 4.85 13.52
CB MSE C 1 -9.55 5.44 15.21
CG MSE C 1 -9.13 4.16 15.91
SE MSE C 1 -7.30 3.65 15.49
CE MSE C 1 -7.21 1.97 16.49
N ARG C 2 -10.55 3.32 12.68
CA ARG C 2 -11.61 2.43 12.24
C ARG C 2 -12.37 1.87 13.44
N ASN C 3 -13.53 1.29 13.14
CA ASN C 3 -14.35 0.66 14.17
C ASN C 3 -13.55 -0.45 14.86
N LEU C 4 -13.37 -0.31 16.17
CA LEU C 4 -12.56 -1.25 16.92
C LEU C 4 -13.16 -2.65 16.95
N LYS C 5 -14.39 -2.82 16.47
CA LYS C 5 -15.01 -4.12 16.32
C LYS C 5 -14.85 -4.71 14.92
N ARG C 6 -14.82 -3.85 13.90
CA ARG C 6 -14.79 -4.32 12.51
C ARG C 6 -13.40 -4.78 12.08
N ILE C 7 -12.35 -4.33 12.77
CA ILE C 7 -11.01 -4.83 12.48
C ILE C 7 -10.87 -6.29 12.88
N VAL C 8 -11.61 -6.73 13.91
CA VAL C 8 -11.54 -8.10 14.39
C VAL C 8 -12.20 -9.10 13.46
N MSE C 9 -12.84 -8.64 12.38
CA MSE C 9 -13.49 -9.54 11.42
C MSE C 9 -12.48 -10.43 10.70
O MSE C 9 -11.39 -9.98 10.36
CB MSE C 9 -14.31 -8.74 10.40
CG MSE C 9 -15.07 -9.56 9.38
SE MSE C 9 -16.13 -8.46 8.16
CE MSE C 9 -14.68 -7.39 7.40
N GLY C 10 -12.84 -11.69 10.49
CA GLY C 10 -11.92 -12.64 9.91
C GLY C 10 -10.75 -12.90 10.83
N GLU C 11 -11.06 -13.22 12.09
CA GLU C 11 -10.04 -13.29 13.14
C GLU C 11 -9.30 -14.62 13.04
N ASN C 12 -8.23 -14.62 12.26
CA ASN C 12 -7.24 -15.69 12.36
C ASN C 12 -6.50 -15.54 13.68
N LYS C 13 -6.27 -16.67 14.37
CA LYS C 13 -5.71 -16.62 15.71
C LYS C 13 -4.36 -15.93 15.74
N LEU C 14 -3.60 -16.02 14.64
CA LEU C 14 -2.31 -15.31 14.58
C LEU C 14 -2.51 -13.81 14.45
N ILE C 15 -3.57 -13.38 13.77
CA ILE C 15 -3.79 -11.95 13.53
C ILE C 15 -3.97 -11.21 14.84
N GLY C 16 -4.79 -11.75 15.73
CA GLY C 16 -5.01 -11.11 17.02
C GLY C 16 -3.75 -11.05 17.86
N LEU C 17 -2.86 -12.04 17.70
CA LEU C 17 -1.60 -12.02 18.44
C LEU C 17 -0.69 -10.90 17.96
N VAL C 18 -0.60 -10.71 16.64
CA VAL C 18 0.20 -9.62 16.10
C VAL C 18 -0.45 -8.28 16.42
N ARG C 19 -1.79 -8.22 16.38
CA ARG C 19 -2.50 -7.00 16.76
C ARG C 19 -2.20 -6.62 18.21
N THR C 20 -2.24 -7.60 19.11
CA THR C 20 -2.05 -7.31 20.53
C THR C 20 -0.62 -6.87 20.82
N ALA C 21 0.37 -7.53 20.20
CA ALA C 21 1.76 -7.16 20.44
C ALA C 21 2.05 -5.75 19.93
N LEU C 22 1.56 -5.42 18.72
CA LEU C 22 1.78 -4.08 18.20
C LEU C 22 0.99 -3.03 18.98
N ASP C 23 -0.19 -3.39 19.49
CA ASP C 23 -0.96 -2.48 20.34
C ASP C 23 -0.26 -2.22 21.67
N SER C 24 0.65 -3.09 22.09
CA SER C 24 1.33 -2.95 23.37
C SER C 24 2.56 -2.06 23.30
N ILE C 25 3.31 -2.13 22.22
CA ILE C 25 4.54 -1.36 22.08
C ILE C 25 4.24 0.02 21.52
N THR C 26 5.03 1.00 21.95
CA THR C 26 4.91 2.36 21.45
C THR C 26 5.40 2.43 20.01
N LEU C 27 4.77 3.32 19.22
CA LEU C 27 5.15 3.48 17.82
C LEU C 27 6.64 3.78 17.69
N GLY C 28 7.10 4.87 18.31
CA GLY C 28 8.52 5.18 18.33
C GLY C 28 9.39 4.16 19.03
N GLN C 29 8.77 3.14 19.64
CA GLN C 29 9.52 2.10 20.34
C GLN C 29 9.79 0.88 19.48
N GLY C 30 8.89 0.58 18.54
CA GLY C 30 9.07 -0.53 17.62
C GLY C 30 9.75 -0.13 16.33
N VAL C 31 9.63 1.15 15.98
CA VAL C 31 10.32 1.67 14.79
C VAL C 31 11.82 1.74 15.00
N ASN C 32 12.27 1.79 16.26
CA ASN C 32 13.68 1.98 16.58
C ASN C 32 14.56 0.96 15.87
N GLU C 33 15.72 1.42 15.40
CA GLU C 33 16.67 0.55 14.74
C GLU C 33 17.25 -0.45 15.74
N ALA C 34 17.36 -1.70 15.32
CA ALA C 34 17.73 -2.80 16.22
C ALA C 34 19.24 -2.88 16.43
N LYS C 35 19.98 -3.27 15.38
CA LYS C 35 21.42 -3.50 15.49
C LYS C 35 22.13 -2.80 14.35
N ILE C 36 23.45 -2.66 14.51
CA ILE C 36 24.27 -1.88 13.58
C ILE C 36 24.61 -2.65 12.31
N LYS C 37 24.48 -3.97 12.31
CA LYS C 37 24.98 -4.78 11.20
C LYS C 37 24.07 -4.70 9.98
N SER C 38 22.76 -4.65 10.18
CA SER C 38 21.81 -4.71 9.08
C SER C 38 20.60 -3.88 9.43
N PRO C 39 19.82 -3.43 8.43
CA PRO C 39 18.63 -2.62 8.72
C PRO C 39 17.51 -3.47 9.31
N GLN C 40 17.30 -3.35 10.62
CA GLN C 40 16.26 -4.09 11.32
C GLN C 40 15.57 -3.16 12.31
N SER C 41 14.26 -3.30 12.42
CA SER C 41 13.47 -2.54 13.38
C SER C 41 13.04 -3.44 14.53
N TYR C 42 12.81 -2.82 15.69
CA TYR C 42 12.36 -3.58 16.85
C TYR C 42 11.02 -4.26 16.58
N ALA C 43 10.15 -3.61 15.79
CA ALA C 43 8.85 -4.20 15.50
C ALA C 43 8.99 -5.41 14.58
N PHE C 44 9.86 -5.31 13.57
CA PHE C 44 10.00 -6.41 12.61
C PHE C 44 10.65 -7.63 13.24
N HIS C 45 11.71 -7.43 14.03
CA HIS C 45 12.45 -8.56 14.57
C HIS C 45 11.65 -9.30 15.64
N THR C 46 11.03 -8.54 16.56
CA THR C 46 10.35 -9.16 17.68
C THR C 46 9.07 -9.89 17.23
N ILE C 47 8.35 -9.32 16.27
CA ILE C 47 7.16 -9.99 15.74
C ILE C 47 7.56 -11.24 14.98
N SER C 48 8.69 -11.19 14.26
CA SER C 48 9.14 -12.36 13.51
C SER C 48 9.55 -13.49 14.44
N VAL C 49 10.22 -13.17 15.56
CA VAL C 49 10.62 -14.20 16.51
C VAL C 49 9.39 -14.89 17.10
N GLY C 50 8.37 -14.10 17.45
CA GLY C 50 7.15 -14.69 17.98
C GLY C 50 6.38 -15.48 16.94
N THR C 51 6.41 -15.05 15.68
CA THR C 51 5.69 -15.75 14.63
C THR C 51 6.33 -17.11 14.35
N ILE C 52 7.66 -17.14 14.24
CA ILE C 52 8.35 -18.41 13.99
C ILE C 52 8.20 -19.33 15.20
N SER C 53 8.32 -18.78 16.41
CA SER C 53 8.11 -19.57 17.62
C SER C 53 6.71 -20.16 17.65
N LEU C 54 5.72 -19.42 17.14
CA LEU C 54 4.37 -19.95 17.06
C LEU C 54 4.27 -21.10 16.06
N ASP C 55 4.99 -20.97 14.93
CA ASP C 55 4.95 -22.02 13.91
C ASP C 55 5.63 -23.28 14.39
N ILE C 56 6.79 -23.15 15.03
CA ILE C 56 7.52 -24.33 15.50
C ILE C 56 6.75 -25.04 16.59
N CYS C 57 6.06 -24.30 17.46
CA CYS C 57 5.26 -24.92 18.50
C CYS C 57 4.06 -25.65 17.92
N LYS C 58 3.39 -25.06 16.94
CA LYS C 58 2.28 -25.74 16.28
C LYS C 58 2.75 -26.95 15.48
N ALA C 59 4.00 -26.91 14.99
CA ALA C 59 4.55 -28.07 14.31
C ALA C 59 4.79 -29.21 15.30
N ILE C 60 5.40 -28.90 16.44
CA ILE C 60 5.61 -29.91 17.48
C ILE C 60 4.28 -30.45 17.97
N TYR C 61 3.29 -29.57 18.11
CA TYR C 61 1.97 -29.99 18.58
C TYR C 61 1.32 -30.97 17.61
N SER C 62 1.46 -30.72 16.31
CA SER C 62 0.80 -31.54 15.30
C SER C 62 1.61 -32.78 14.91
N SER C 63 2.89 -32.85 15.26
CA SER C 63 3.74 -33.93 14.82
C SER C 63 4.00 -34.99 15.89
N SER C 64 4.06 -34.61 17.16
CA SER C 64 4.40 -35.51 18.24
C SER C 64 3.26 -35.57 19.26
N GLU C 65 2.85 -36.79 19.60
CA GLU C 65 1.89 -36.96 20.68
C GLU C 65 2.47 -36.54 22.02
N ILE C 66 3.78 -36.71 22.19
CA ILE C 66 4.42 -36.37 23.46
C ILE C 66 4.58 -34.85 23.60
N GLY C 67 4.88 -34.17 22.50
CA GLY C 67 4.94 -32.72 22.54
C GLY C 67 3.56 -32.08 22.67
N ARG C 68 2.53 -32.74 22.12
CA ARG C 68 1.17 -32.24 22.27
C ARG C 68 0.77 -32.20 23.74
N LYS C 69 0.89 -33.34 24.43
CA LYS C 69 0.54 -33.37 25.85
C LYS C 69 1.50 -32.53 26.69
N GLN C 70 2.73 -32.36 26.22
CA GLN C 70 3.67 -31.49 26.93
C GLN C 70 3.27 -30.03 26.79
N LEU C 71 2.78 -29.63 25.61
CA LEU C 71 2.30 -28.27 25.43
C LEU C 71 0.97 -28.05 26.13
N GLU C 72 0.16 -29.11 26.29
CA GLU C 72 -1.09 -28.98 27.04
C GLU C 72 -0.81 -28.71 28.51
N ASN C 73 0.12 -29.45 29.10
CA ASN C 73 0.49 -29.20 30.49
C ASN C 73 1.11 -27.81 30.65
N LEU C 74 1.99 -27.43 29.72
CA LEU C 74 2.63 -26.11 29.79
C LEU C 74 1.60 -25.00 29.61
N SER C 75 0.54 -25.24 28.86
CA SER C 75 -0.51 -24.24 28.71
C SER C 75 -1.38 -24.17 29.96
N LYS C 76 -1.68 -25.31 30.56
CA LYS C 76 -2.50 -25.33 31.76
C LYS C 76 -1.78 -24.78 32.98
N LYS C 77 -0.44 -24.82 32.99
CA LYS C 77 0.30 -24.33 34.15
C LYS C 77 0.16 -22.83 34.28
N TYR C 78 0.32 -22.09 33.19
CA TYR C 78 0.17 -20.64 33.21
C TYR C 78 -1.26 -20.18 32.93
N ASN C 79 -2.16 -21.10 32.57
CA ASN C 79 -3.56 -20.80 32.26
C ASN C 79 -3.64 -19.74 31.15
N MSE C 80 -3.03 -20.08 30.01
CA MSE C 80 -3.11 -19.25 28.81
C MSE C 80 -3.49 -20.11 27.63
O MSE C 80 -3.21 -21.32 27.62
CB MSE C 80 -1.79 -18.53 28.56
CG MSE C 80 -1.50 -17.39 29.52
SE MSE C 80 0.10 -16.39 29.01
CE MSE C 80 1.44 -17.77 29.33
N PRO C 81 -4.14 -19.52 26.62
CA PRO C 81 -4.38 -20.26 25.38
C PRO C 81 -3.07 -20.76 24.79
N PHE C 82 -3.16 -21.88 24.07
CA PHE C 82 -1.96 -22.56 23.57
C PHE C 82 -1.14 -21.62 22.68
N GLU C 83 -1.77 -21.08 21.64
CA GLU C 83 -1.03 -20.25 20.69
C GLU C 83 -0.64 -18.91 21.29
N ASP C 84 -1.39 -18.43 22.29
CA ASP C 84 -0.99 -17.20 22.98
C ASP C 84 0.28 -17.42 23.79
N LEU C 85 0.40 -18.58 24.43
CA LEU C 85 1.63 -18.91 25.15
C LEU C 85 2.81 -19.02 24.20
N TRP C 86 2.58 -19.53 23.00
CA TRP C 86 3.67 -19.79 22.06
C TRP C 86 4.15 -18.51 21.39
N PHE C 87 3.22 -17.60 21.05
CA PHE C 87 3.59 -16.38 20.35
C PHE C 87 4.23 -15.37 21.28
N TYR C 88 3.53 -15.01 22.37
CA TYR C 88 4.05 -14.02 23.31
C TYR C 88 5.33 -14.49 23.98
N GLY C 89 5.56 -15.80 24.06
CA GLY C 89 6.79 -16.30 24.65
C GLY C 89 8.02 -15.86 23.87
N GLY C 90 7.98 -16.01 22.55
CA GLY C 90 9.08 -15.57 21.73
C GLY C 90 9.12 -14.07 21.53
N PHE C 91 7.96 -13.41 21.59
CA PHE C 91 7.93 -11.95 21.44
C PHE C 91 8.59 -11.27 22.62
N LEU C 92 8.22 -11.66 23.85
CA LEU C 92 8.86 -11.10 25.04
C LEU C 92 10.33 -11.52 25.13
N HIS C 93 10.66 -12.73 24.64
CA HIS C 93 12.04 -13.19 24.69
C HIS C 93 12.95 -12.32 23.85
N ASP C 94 12.47 -11.87 22.69
CA ASP C 94 13.33 -11.09 21.79
C ASP C 94 13.51 -9.67 22.31
N TRP C 95 12.46 -9.09 22.91
CA TRP C 95 12.61 -7.78 23.53
C TRP C 95 13.61 -7.81 24.67
N ASN C 96 13.71 -8.94 25.38
CA ASN C 96 14.64 -9.04 26.49
C ASN C 96 16.10 -9.15 26.03
N LYS C 97 16.34 -9.60 24.80
CA LYS C 97 17.69 -9.72 24.27
C LYS C 97 18.10 -8.50 23.45
N LEU C 98 17.18 -7.92 22.67
CA LEU C 98 17.50 -6.71 21.92
C LEU C 98 17.70 -5.50 22.83
N SER C 99 17.19 -5.56 24.06
CA SER C 99 17.42 -4.49 25.03
C SER C 99 18.84 -4.49 25.58
N GLY C 100 19.68 -5.44 25.15
CA GLY C 100 21.08 -5.42 25.53
C GLY C 100 21.85 -4.23 24.99
N LYS C 101 21.28 -3.52 24.02
CA LYS C 101 21.89 -2.28 23.55
C LYS C 101 21.89 -1.25 24.66
N GLU C 102 22.82 -0.30 24.57
CA GLU C 102 23.04 0.66 25.65
C GLU C 102 21.79 1.50 25.92
N GLU C 103 21.35 1.49 27.17
CA GLU C 103 20.29 2.37 27.64
C GLU C 103 20.43 2.63 29.14
N ASN C 107 21.01 -0.69 31.61
CA ASN C 107 20.26 -1.76 30.96
C ASN C 107 18.82 -1.33 30.72
N LYS C 108 18.17 -0.83 31.78
CA LYS C 108 16.82 -0.28 31.71
C LYS C 108 15.82 -1.32 31.18
N GLU C 109 15.76 -2.45 31.88
CA GLU C 109 14.79 -3.50 31.59
C GLU C 109 13.37 -3.13 32.00
N GLU C 110 13.18 -1.93 32.56
CA GLU C 110 11.87 -1.50 33.05
C GLU C 110 10.81 -1.49 31.96
N LEU C 111 11.21 -1.47 30.69
CA LEU C 111 10.24 -1.40 29.60
C LEU C 111 9.42 -2.69 29.49
N THR C 112 9.98 -3.81 29.92
CA THR C 112 9.30 -5.10 29.74
C THR C 112 8.05 -5.20 30.61
N LYS C 113 8.01 -4.48 31.74
CA LYS C 113 6.85 -4.57 32.63
C LYS C 113 5.63 -3.92 32.01
N LYS C 114 5.80 -2.87 31.21
CA LYS C 114 4.65 -2.25 30.54
C LYS C 114 4.02 -3.21 29.54
N ILE C 115 4.85 -4.00 28.85
CA ILE C 115 4.34 -4.88 27.80
C ILE C 115 3.55 -6.04 28.41
N ILE C 116 4.12 -6.68 29.44
CA ILE C 116 3.45 -7.80 30.09
C ILE C 116 2.18 -7.34 30.79
N ASP C 117 2.08 -6.05 31.14
CA ASP C 117 0.88 -5.55 31.79
C ASP C 117 -0.25 -5.35 30.79
N LYS C 118 0.04 -4.69 29.66
CA LYS C 118 -1.01 -4.44 28.67
C LYS C 118 -1.45 -5.73 27.99
N LEU C 119 -0.56 -6.72 27.89
CA LEU C 119 -0.96 -8.04 27.40
C LEU C 119 -1.89 -8.77 28.36
N LYS C 120 -2.01 -8.31 29.60
CA LYS C 120 -2.81 -8.96 30.63
C LYS C 120 -2.38 -10.41 30.82
N LEU C 121 -1.12 -10.57 31.18
CA LEU C 121 -0.50 -11.88 31.39
C LEU C 121 0.17 -11.92 32.74
N PRO C 122 0.24 -13.11 33.37
CA PRO C 122 0.89 -13.20 34.68
C PRO C 122 2.38 -12.98 34.60
N ASN C 123 2.91 -12.25 35.59
CA ASN C 123 4.34 -11.99 35.64
C ASN C 123 5.14 -13.26 35.93
N GLU C 124 4.49 -14.30 36.47
CA GLU C 124 5.16 -15.59 36.64
C GLU C 124 5.65 -16.12 35.30
N PHE C 125 4.94 -15.80 34.22
CA PHE C 125 5.40 -16.18 32.88
C PHE C 125 6.63 -15.38 32.49
N LEU C 126 6.69 -14.09 32.86
CA LEU C 126 7.86 -13.28 32.56
C LEU C 126 9.06 -13.72 33.38
N HIS C 127 8.84 -14.24 34.59
CA HIS C 127 9.93 -14.72 35.41
C HIS C 127 10.64 -15.89 34.75
N GLY C 128 9.93 -16.68 33.96
CA GLY C 128 10.55 -17.76 33.22
C GLY C 128 11.28 -17.28 32.00
N ILE C 129 10.68 -16.32 31.27
CA ILE C 129 11.30 -15.80 30.06
C ILE C 129 12.58 -15.05 30.39
N SER C 130 12.53 -14.17 31.39
CA SER C 130 13.71 -13.41 31.77
C SER C 130 14.84 -14.29 32.29
N THR C 131 14.53 -15.55 32.63
CA THR C 131 15.53 -16.54 32.99
C THR C 131 15.69 -17.62 31.92
N MSE C 132 15.06 -17.45 30.77
CA MSE C 132 15.20 -18.40 29.66
C MSE C 132 15.92 -17.73 28.50
O MSE C 132 16.61 -18.39 27.74
CB MSE C 132 13.82 -18.91 29.21
CG MSE C 132 13.87 -20.07 28.24
SE MSE C 132 12.14 -20.96 28.06
CE MSE C 132 11.06 -19.41 27.54
N ALA C 133 15.75 -16.41 28.38
CA ALA C 133 16.54 -15.66 27.40
C ALA C 133 18.02 -15.73 27.73
N GLU C 134 18.37 -15.52 29.00
CA GLU C 134 19.69 -15.81 29.53
C GLU C 134 19.53 -16.83 30.66
N GLY C 135 20.39 -17.83 30.66
CA GLY C 135 20.18 -19.01 31.48
C GLY C 135 19.60 -20.14 30.67
N HIS C 136 19.27 -21.22 31.37
CA HIS C 136 18.79 -22.43 30.73
C HIS C 136 17.29 -22.61 31.04
N LEU C 137 16.84 -23.86 31.09
CA LEU C 137 15.42 -24.13 31.23
C LEU C 137 14.94 -23.75 32.62
N PRO C 138 13.73 -23.19 32.74
CA PRO C 138 13.08 -23.15 34.07
C PRO C 138 12.91 -24.54 34.65
N ASP C 139 12.40 -25.48 33.86
CA ASP C 139 12.47 -26.91 34.15
C ASP C 139 12.34 -27.65 32.83
N ASN C 140 12.18 -28.98 32.91
CA ASN C 140 12.19 -29.80 31.70
C ASN C 140 10.94 -29.60 30.86
N LEU C 141 9.81 -29.23 31.49
CA LEU C 141 8.57 -29.06 30.76
C LEU C 141 8.62 -27.92 29.76
N HIS C 142 9.47 -26.93 29.98
CA HIS C 142 9.59 -25.80 29.06
C HIS C 142 10.44 -26.13 27.84
N LEU C 143 10.74 -27.41 27.60
CA LEU C 143 11.59 -27.77 26.46
C LEU C 143 11.02 -27.35 25.12
N PRO C 144 9.73 -27.51 24.82
CA PRO C 144 9.24 -27.04 23.51
C PRO C 144 9.44 -25.55 23.29
N LEU C 145 9.17 -24.73 24.30
CA LEU C 145 9.42 -23.29 24.17
C LEU C 145 10.90 -23.01 23.99
N TRP C 146 11.76 -23.70 24.75
CA TRP C 146 13.20 -23.50 24.61
C TRP C 146 13.66 -23.84 23.20
N VAL C 147 13.09 -24.88 22.60
CA VAL C 147 13.47 -25.27 21.25
C VAL C 147 12.96 -24.24 20.24
N SER C 148 11.66 -23.94 20.29
CA SER C 148 11.05 -23.08 19.28
C SER C 148 11.64 -21.68 19.31
N ILE C 149 11.85 -21.13 20.52
CA ILE C 149 12.28 -19.73 20.62
C ILE C 149 13.76 -19.60 20.26
N LYS C 150 14.60 -20.53 20.72
CA LYS C 150 16.02 -20.49 20.37
C LYS C 150 16.22 -20.69 18.88
N LEU C 151 15.39 -21.53 18.24
CA LEU C 151 15.45 -21.67 16.79
C LEU C 151 15.02 -20.38 16.10
N ALA C 152 13.94 -19.76 16.58
CA ALA C 152 13.51 -18.49 16.01
C ALA C 152 14.55 -17.40 16.23
N ASP C 153 15.20 -17.41 17.39
CA ASP C 153 16.28 -16.45 17.64
C ASP C 153 17.46 -16.69 16.71
N MSE C 154 17.74 -17.96 16.40
CA MSE C 154 18.82 -18.31 15.48
C MSE C 154 18.49 -17.90 14.05
O MSE C 154 19.33 -17.31 13.37
CB MSE C 154 19.09 -19.81 15.55
CG MSE C 154 20.09 -20.30 14.52
SE MSE C 154 20.07 -22.24 14.30
CE MSE C 154 18.28 -22.44 13.57
N LEU C 155 17.28 -18.22 13.62
CA LEU C 155 16.86 -17.97 12.25
C LEU C 155 16.82 -16.49 11.90
N LEU C 156 16.95 -15.59 12.88
CA LEU C 156 16.75 -14.16 12.66
C LEU C 156 17.91 -13.34 13.20
N ILE C 157 19.11 -13.92 13.25
CA ILE C 157 20.30 -13.14 13.61
C ILE C 157 20.56 -12.11 12.53
N SER C 158 21.02 -10.92 12.94
CA SER C 158 21.12 -9.70 12.13
C SER C 158 21.30 -9.94 10.63
N ASP C 159 22.14 -10.89 10.25
CA ASP C 159 22.27 -11.24 8.83
C ASP C 159 22.85 -12.65 8.73
N ILE C 160 21.98 -13.64 8.98
CA ILE C 160 22.31 -15.01 8.60
C ILE C 160 22.45 -15.10 7.09
N GLY C 161 21.68 -14.28 6.35
CA GLY C 161 21.95 -13.97 4.96
C GLY C 161 21.81 -15.08 3.95
N SER C 162 21.72 -16.33 4.39
CA SER C 162 21.68 -17.45 3.45
C SER C 162 20.99 -18.63 4.10
N VAL C 163 20.42 -19.50 3.25
CA VAL C 163 19.74 -20.68 3.75
C VAL C 163 20.75 -21.69 4.29
N ARG C 164 21.88 -21.85 3.62
CA ARG C 164 22.88 -22.82 4.08
C ARG C 164 23.60 -22.35 5.33
N ASP C 165 23.66 -21.05 5.59
CA ASP C 165 24.27 -20.55 6.82
C ASP C 165 23.49 -20.98 8.05
N VAL C 166 22.20 -21.27 7.92
CA VAL C 166 21.42 -21.76 9.05
C VAL C 166 21.93 -23.13 9.48
N PHE C 167 22.20 -24.01 8.51
CA PHE C 167 22.65 -25.36 8.80
C PHE C 167 24.12 -25.41 9.20
N TYR C 168 24.88 -24.35 8.96
CA TYR C 168 26.24 -24.24 9.47
C TYR C 168 26.26 -23.65 10.88
N PHE C 169 25.41 -22.66 11.14
CA PHE C 169 25.20 -22.21 12.51
C PHE C 169 24.62 -23.31 13.37
N ALA C 170 23.90 -24.25 12.75
CA ALA C 170 23.14 -25.28 13.44
C ALA C 170 24.00 -26.15 14.35
N ASN C 171 24.83 -27.01 13.75
CA ASN C 171 25.53 -28.04 14.52
C ASN C 171 26.78 -27.51 15.21
N SER C 172 27.38 -26.44 14.69
CA SER C 172 28.68 -26.00 15.19
C SER C 172 28.55 -25.14 16.45
N ASP C 173 27.58 -24.23 16.48
CA ASP C 173 27.47 -23.27 17.57
C ASP C 173 26.57 -23.83 18.68
N SER C 174 26.17 -22.97 19.61
CA SER C 174 25.38 -23.39 20.77
C SER C 174 23.94 -23.73 20.42
N TYR C 175 23.51 -23.48 19.18
CA TYR C 175 22.16 -23.83 18.76
C TYR C 175 21.97 -25.34 18.59
N ARG C 176 23.06 -26.12 18.70
CA ARG C 176 22.96 -27.56 18.48
C ARG C 176 22.04 -28.24 19.47
N ASN C 177 22.02 -27.76 20.72
CA ASN C 177 21.21 -28.40 21.75
C ASN C 177 19.72 -28.31 21.45
N ALA C 178 19.29 -27.23 20.79
CA ALA C 178 17.88 -27.09 20.46
C ALA C 178 17.48 -28.02 19.31
N ILE C 179 18.37 -28.19 18.34
CA ILE C 179 18.04 -29.03 17.18
C ILE C 179 18.07 -30.50 17.56
N GLU C 180 18.97 -30.89 18.47
CA GLU C 180 18.95 -32.27 18.97
C GLU C 180 17.65 -32.59 19.67
N ALA C 181 17.06 -31.61 20.36
CA ALA C 181 15.74 -31.80 20.96
C ALA C 181 14.64 -31.73 19.91
N LEU C 182 14.82 -30.90 18.87
CA LEU C 182 13.89 -30.92 17.75
C LEU C 182 13.91 -32.27 17.05
N LYS C 183 15.07 -32.94 17.04
CA LYS C 183 15.13 -34.30 16.52
C LYS C 183 14.22 -35.23 17.31
N GLU C 184 14.18 -35.07 18.64
CA GLU C 184 13.37 -35.93 19.48
C GLU C 184 11.89 -35.64 19.36
N TYR C 185 11.52 -34.45 18.86
CA TYR C 185 10.15 -34.17 18.46
C TYR C 185 9.89 -34.59 17.01
N ASN C 186 10.65 -35.57 16.52
CA ASN C 186 10.54 -36.13 15.17
C ASN C 186 10.41 -35.06 14.09
N LEU C 187 11.05 -33.91 14.30
CA LEU C 187 11.02 -32.81 13.34
C LEU C 187 12.43 -32.51 12.88
N GLU C 188 12.64 -32.56 11.57
CA GLU C 188 13.90 -32.20 10.95
C GLU C 188 13.84 -30.77 10.42
N LEU C 189 15.01 -30.23 10.11
CA LEU C 189 15.11 -28.99 9.35
C LEU C 189 15.39 -29.32 7.89
N ASN C 190 14.93 -28.43 7.00
CA ASN C 190 15.11 -28.63 5.58
C ASN C 190 15.00 -27.27 4.90
N TYR C 191 15.41 -27.24 3.62
CA TYR C 191 15.36 -25.99 2.87
C TYR C 191 15.36 -26.30 1.39
N VAL C 192 14.85 -25.34 0.61
CA VAL C 192 14.79 -25.44 -0.84
C VAL C 192 15.18 -24.09 -1.42
N SER C 193 16.25 -24.06 -2.20
CA SER C 193 16.73 -22.83 -2.81
C SER C 193 16.03 -22.59 -4.14
N SER C 194 15.76 -21.32 -4.43
CA SER C 194 15.08 -20.95 -5.67
C SER C 194 15.53 -19.56 -6.09
N THR C 195 15.44 -19.30 -7.39
CA THR C 195 15.80 -18.01 -7.97
C THR C 195 14.54 -17.20 -8.24
N PHE C 196 14.63 -15.89 -8.01
CA PHE C 196 13.48 -15.02 -8.18
C PHE C 196 13.18 -14.81 -9.66
N ARG C 197 11.92 -15.02 -10.05
CA ARG C 197 11.48 -14.79 -11.41
C ARG C 197 10.02 -14.37 -11.39
N LEU C 198 9.61 -13.69 -12.46
CA LEU C 198 8.28 -13.07 -12.50
C LEU C 198 7.17 -14.12 -12.37
N PHE C 199 7.28 -15.21 -13.13
CA PHE C 199 6.25 -16.25 -13.05
C PHE C 199 6.25 -16.93 -11.68
N THR C 200 7.41 -17.02 -11.04
CA THR C 200 7.48 -17.62 -9.71
C THR C 200 6.79 -16.75 -8.67
N LEU C 201 6.70 -15.44 -8.93
CA LEU C 201 6.08 -14.52 -7.98
C LEU C 201 4.60 -14.86 -7.78
N ILE C 202 3.88 -15.08 -8.88
CA ILE C 202 2.45 -15.40 -8.76
C ILE C 202 2.25 -16.86 -8.37
N ALA C 203 3.18 -17.74 -8.72
CA ALA C 203 2.99 -19.18 -8.55
C ALA C 203 3.53 -19.70 -7.23
N SER C 204 4.30 -18.91 -6.48
CA SER C 204 4.90 -19.40 -5.25
C SER C 204 3.86 -19.70 -4.18
N LYS C 205 2.74 -18.95 -4.18
CA LYS C 205 1.70 -19.16 -3.17
C LYS C 205 1.10 -20.56 -3.27
N GLU C 206 0.96 -21.08 -4.49
CA GLU C 206 0.35 -22.38 -4.68
C GLU C 206 1.27 -23.52 -4.26
N LEU C 207 2.59 -23.30 -4.27
CA LEU C 207 3.51 -24.33 -3.79
C LEU C 207 3.38 -24.54 -2.29
N LEU C 208 3.19 -23.46 -1.53
CA LEU C 208 3.04 -23.56 -0.09
C LEU C 208 1.72 -24.20 0.31
N ASN C 209 0.79 -24.35 -0.62
CA ASN C 209 -0.52 -24.94 -0.37
C ASN C 209 -0.64 -26.36 -0.90
N ASP C 210 -0.07 -26.64 -2.07
CA ASP C 210 -0.18 -27.96 -2.70
C ASP C 210 1.07 -28.81 -2.57
N VAL C 211 2.17 -28.26 -2.05
CA VAL C 211 3.39 -29.02 -1.86
C VAL C 211 3.78 -28.99 -0.38
N PHE C 212 4.28 -27.86 0.09
CA PHE C 212 4.78 -27.71 1.46
C PHE C 212 3.67 -27.44 2.47
N ASN C 213 2.51 -28.06 2.31
CA ASN C 213 1.40 -27.81 3.22
C ASN C 213 1.58 -28.61 4.52
N GLU C 214 0.76 -28.28 5.51
CA GLU C 214 0.79 -29.02 6.77
C GLU C 214 0.28 -30.44 6.59
N LYS C 215 -0.62 -30.67 5.63
CA LYS C 215 -1.15 -32.00 5.39
C LYS C 215 -0.02 -32.99 5.09
N SER C 216 0.93 -32.60 4.26
CA SER C 216 2.09 -33.44 3.99
C SER C 216 3.16 -33.33 5.07
N GLY C 217 3.06 -32.35 5.96
CA GLY C 217 3.97 -32.24 7.08
C GLY C 217 5.31 -31.62 6.73
N TYR C 218 5.30 -30.38 6.25
CA TYR C 218 6.53 -29.67 5.95
C TYR C 218 6.69 -28.36 6.71
N PHE C 219 5.59 -27.67 7.02
CA PHE C 219 5.59 -26.50 7.90
C PHE C 219 6.61 -25.45 7.48
N PRO C 220 6.32 -24.65 6.46
CA PRO C 220 7.27 -23.60 6.07
C PRO C 220 7.41 -22.54 7.15
N LEU C 221 8.64 -22.05 7.32
CA LEU C 221 8.95 -21.12 8.40
C LEU C 221 9.36 -19.74 7.89
N ILE C 222 10.40 -19.65 7.07
CA ILE C 222 11.02 -18.37 6.74
C ILE C 222 11.81 -18.54 5.45
N SER C 223 12.06 -17.43 4.75
CA SER C 223 12.86 -17.43 3.53
C SER C 223 13.98 -16.39 3.64
N TYR C 224 15.02 -16.58 2.84
CA TYR C 224 16.23 -15.75 2.94
C TYR C 224 16.77 -15.29 1.60
N ALA C 225 15.88 -14.94 0.66
CA ALA C 225 16.25 -14.42 -0.66
C ALA C 225 16.97 -15.44 -1.54
N ASP C 226 17.46 -16.54 -0.94
CA ASP C 226 18.04 -17.62 -1.74
C ASP C 226 17.41 -18.96 -1.41
N GLY C 227 16.22 -18.96 -0.82
CA GLY C 227 15.53 -20.20 -0.54
C GLY C 227 14.56 -20.05 0.61
N ILE C 228 13.81 -21.12 0.83
CA ILE C 228 12.82 -21.21 1.90
C ILE C 228 13.30 -22.25 2.90
N VAL C 229 13.07 -22.00 4.19
CA VAL C 229 13.43 -22.94 5.26
C VAL C 229 12.14 -23.49 5.85
N PHE C 230 12.00 -24.81 5.86
CA PHE C 230 10.83 -25.46 6.43
C PHE C 230 11.30 -26.66 7.24
N LEU C 231 10.39 -27.60 7.51
CA LEU C 231 10.66 -28.72 8.38
C LEU C 231 10.28 -30.02 7.68
N LYS C 232 10.66 -31.14 8.31
CA LYS C 232 10.29 -32.47 7.84
C LYS C 232 9.99 -33.33 9.07
N ARG C 233 8.73 -33.73 9.24
CA ARG C 233 8.42 -34.72 10.26
C ARG C 233 8.88 -36.08 9.76
N LYS C 234 9.53 -36.84 10.64
CA LYS C 234 10.17 -38.09 10.23
C LYS C 234 9.14 -39.04 9.62
N ASN C 235 9.62 -39.85 8.67
CA ASN C 235 8.84 -40.84 7.91
C ASN C 235 7.78 -40.22 7.02
N SER C 236 7.83 -38.90 6.80
CA SER C 236 6.92 -38.28 5.85
C SER C 236 7.49 -38.40 4.43
N GLN C 237 6.64 -38.14 3.45
CA GLN C 237 7.05 -38.28 2.06
C GLN C 237 8.11 -37.25 1.70
N PRO C 238 9.06 -37.61 0.84
CA PRO C 238 10.06 -36.62 0.41
C PRO C 238 9.47 -35.60 -0.54
N VAL C 239 10.06 -34.41 -0.55
CA VAL C 239 9.64 -33.38 -1.48
C VAL C 239 10.02 -33.83 -2.89
N LEU C 240 9.01 -33.96 -3.75
CA LEU C 240 9.19 -34.53 -5.08
C LEU C 240 9.04 -33.43 -6.13
N LEU C 241 9.97 -33.42 -7.10
CA LEU C 241 9.92 -32.41 -8.16
C LEU C 241 8.80 -32.67 -9.16
N SER C 242 8.28 -33.90 -9.22
CA SER C 242 7.25 -34.23 -10.20
C SER C 242 6.00 -33.39 -9.99
N LYS C 243 5.55 -33.27 -8.74
CA LYS C 243 4.37 -32.43 -8.48
C LYS C 243 4.70 -30.95 -8.60
N ILE C 244 5.95 -30.57 -8.37
CA ILE C 244 6.33 -29.16 -8.53
C ILE C 244 6.23 -28.76 -9.99
N VAL C 245 6.80 -29.56 -10.89
CA VAL C 245 6.67 -29.30 -12.32
C VAL C 245 5.23 -29.48 -12.78
N ASP C 246 4.48 -30.37 -12.13
CA ASP C 246 3.09 -30.60 -12.51
C ASP C 246 2.23 -29.38 -12.20
N LEU C 247 2.52 -28.70 -11.10
CA LEU C 247 1.70 -27.55 -10.70
C LEU C 247 2.11 -26.27 -11.41
N LEU C 248 3.41 -26.01 -11.51
CA LEU C 248 3.88 -24.75 -12.05
C LEU C 248 3.74 -24.68 -13.56
N SER C 249 3.83 -25.81 -14.26
CA SER C 249 3.54 -25.82 -15.68
C SER C 249 2.05 -25.65 -15.94
N ARG C 250 1.21 -26.05 -14.99
CA ARG C 250 -0.23 -25.85 -15.12
C ARG C 250 -0.58 -24.37 -15.03
N GLN C 251 0.16 -23.59 -14.24
CA GLN C 251 -0.11 -22.16 -14.14
C GLN C 251 0.17 -21.45 -15.45
N VAL C 252 1.07 -21.98 -16.26
CA VAL C 252 1.32 -21.45 -17.59
C VAL C 252 0.32 -22.00 -18.61
N PHE C 253 0.03 -23.29 -18.53
CA PHE C 253 -0.88 -23.93 -19.48
C PHE C 253 -2.32 -23.84 -19.01
N SER C 254 -2.74 -22.64 -18.59
CA SER C 254 -4.09 -22.36 -18.15
C SER C 254 -4.40 -20.91 -18.46
N SER C 255 -4.57 -20.60 -19.75
CA SER C 255 -4.90 -19.25 -20.17
C SER C 255 -6.26 -18.85 -19.63
N SER C 256 -6.44 -17.54 -19.44
CA SER C 256 -7.65 -17.02 -18.81
C SER C 256 -8.88 -17.37 -19.64
N SER C 257 -10.01 -17.52 -18.94
CA SER C 257 -11.25 -17.93 -19.60
C SER C 257 -11.88 -16.80 -20.42
N GLU C 258 -11.48 -15.56 -20.18
CA GLU C 258 -11.95 -14.44 -21.02
C GLU C 258 -10.90 -13.99 -22.03
N VAL C 259 -9.62 -14.17 -21.73
CA VAL C 259 -8.59 -13.96 -22.74
C VAL C 259 -8.78 -14.93 -23.90
N ILE C 260 -9.12 -16.18 -23.59
CA ILE C 260 -9.42 -17.14 -24.65
C ILE C 260 -10.68 -16.75 -25.40
N GLU C 261 -11.64 -16.13 -24.72
CA GLU C 261 -12.84 -15.63 -25.39
C GLU C 261 -12.51 -14.48 -26.33
N GLU C 262 -11.52 -13.66 -25.99
CA GLU C 262 -11.11 -12.58 -26.87
C GLU C 262 -10.43 -13.12 -28.12
N LYS C 263 -9.55 -14.12 -27.96
CA LYS C 263 -8.90 -14.70 -29.14
C LYS C 263 -9.90 -15.41 -30.04
N ILE C 264 -11.02 -15.89 -29.46
CA ILE C 264 -12.09 -16.43 -30.27
C ILE C 264 -12.79 -15.31 -31.04
N SER C 265 -13.01 -14.16 -30.39
CA SER C 265 -13.65 -13.04 -31.06
C SER C 265 -12.77 -12.46 -32.16
N ASP C 266 -11.45 -12.57 -32.01
CA ASP C 266 -10.56 -12.12 -33.08
C ASP C 266 -10.72 -12.97 -34.33
N ILE C 267 -11.12 -14.23 -34.18
CA ILE C 267 -11.40 -15.07 -35.33
C ILE C 267 -12.74 -14.70 -35.94
N GLU C 268 -13.76 -14.51 -35.10
CA GLU C 268 -15.09 -14.15 -35.58
C GLU C 268 -15.12 -12.78 -36.23
N LYS C 269 -14.17 -11.89 -35.89
CA LYS C 269 -14.13 -10.58 -36.51
C LYS C 269 -13.82 -10.66 -38.00
N CYS C 270 -13.03 -11.66 -38.41
CA CYS C 270 -12.64 -11.77 -39.81
C CYS C 270 -13.71 -12.47 -40.65
N ILE C 271 -14.13 -13.66 -40.22
CA ILE C 271 -15.08 -14.45 -41.00
C ILE C 271 -16.46 -13.82 -41.07
N LYS C 272 -16.73 -12.80 -40.27
CA LYS C 272 -17.99 -12.07 -40.35
C LYS C 272 -17.97 -11.01 -41.45
N ASN C 273 -16.80 -10.43 -41.73
CA ASN C 273 -16.72 -9.31 -42.66
C ASN C 273 -17.29 -9.66 -44.04
N LYS C 274 -17.14 -10.91 -44.48
CA LYS C 274 -17.73 -11.35 -45.73
C LYS C 274 -18.70 -12.49 -45.48
N GLU C 275 -19.65 -12.27 -44.55
CA GLU C 275 -20.54 -13.34 -44.12
C GLU C 275 -21.46 -13.79 -45.25
N GLU C 276 -21.91 -12.86 -46.10
CA GLU C 276 -22.85 -13.22 -47.15
C GLU C 276 -22.24 -14.15 -48.17
N LEU C 277 -20.91 -14.07 -48.37
CA LEU C 277 -20.25 -14.96 -49.32
C LEU C 277 -20.06 -16.35 -48.73
N PHE C 278 -19.64 -16.43 -47.47
CA PHE C 278 -19.45 -17.73 -46.84
C PHE C 278 -20.78 -18.46 -46.67
N ARG C 279 -21.86 -17.72 -46.38
CA ARG C 279 -23.17 -18.34 -46.29
C ARG C 279 -23.65 -18.81 -47.65
N GLN C 280 -23.39 -18.02 -48.70
CA GLN C 280 -23.79 -18.40 -50.05
C GLN C 280 -22.99 -19.59 -50.57
N MSE C 281 -21.80 -19.85 -50.03
CA MSE C 281 -20.95 -20.93 -50.52
C MSE C 281 -21.50 -22.33 -50.23
O MSE C 281 -20.91 -23.33 -50.62
CB MSE C 281 -19.54 -20.79 -49.96
CG MSE C 281 -18.64 -19.89 -50.78
SE MSE C 281 -16.82 -19.82 -50.11
CE MSE C 281 -15.96 -19.08 -51.69
N ASN C 282 -22.64 -22.40 -49.52
CA ASN C 282 -23.30 -23.68 -49.32
C ASN C 282 -23.91 -24.24 -50.60
N ILE C 283 -23.94 -23.45 -51.67
CA ILE C 283 -24.41 -23.91 -52.97
C ILE C 283 -23.83 -22.99 -54.02
N ASP C 284 -23.57 -23.54 -55.21
CA ASP C 284 -22.97 -22.80 -56.32
C ASP C 284 -21.63 -22.17 -55.91
N VAL C 285 -20.70 -23.04 -55.53
CA VAL C 285 -19.36 -22.57 -55.15
C VAL C 285 -18.66 -21.94 -56.34
N LYS C 286 -18.83 -22.54 -57.53
CA LYS C 286 -18.21 -22.00 -58.73
C LYS C 286 -18.73 -20.60 -59.07
N SER C 287 -19.95 -20.26 -58.65
CA SER C 287 -20.45 -18.91 -58.85
C SER C 287 -19.89 -17.92 -57.84
N ALA C 288 -19.42 -18.40 -56.69
CA ALA C 288 -18.87 -17.54 -55.66
C ALA C 288 -17.36 -17.38 -55.78
N ILE C 289 -16.65 -18.44 -56.15
CA ILE C 289 -15.20 -18.37 -56.21
C ILE C 289 -14.72 -17.63 -57.46
N TYR C 290 -15.51 -17.65 -58.53
CA TYR C 290 -15.14 -16.97 -59.76
C TYR C 290 -15.78 -15.58 -59.81
N ASP C 291 -15.05 -14.64 -60.40
CA ASP C 291 -15.57 -13.29 -60.60
C ASP C 291 -16.21 -13.18 -61.97
N GLU C 292 -17.29 -12.41 -62.05
CA GLU C 292 -18.07 -12.31 -63.28
C GLU C 292 -17.30 -11.64 -64.41
N GLU C 293 -16.24 -10.89 -64.09
CA GLU C 293 -15.48 -10.19 -65.12
C GLU C 293 -14.28 -10.98 -65.63
N GLY C 294 -13.85 -12.01 -64.91
CA GLY C 294 -12.66 -12.74 -65.32
C GLY C 294 -12.63 -14.19 -64.86
N LYS C 295 -11.49 -14.60 -64.29
CA LYS C 295 -11.25 -16.00 -63.96
C LYS C 295 -11.66 -16.31 -62.53
N VAL C 296 -10.74 -16.14 -61.58
CA VAL C 296 -10.93 -16.58 -60.21
C VAL C 296 -10.58 -15.44 -59.26
N LYS C 297 -11.23 -15.43 -58.11
CA LYS C 297 -10.92 -14.50 -57.03
C LYS C 297 -9.83 -15.08 -56.13
N GLN C 298 -9.07 -14.19 -55.50
CA GLN C 298 -8.10 -14.60 -54.49
C GLN C 298 -8.69 -14.42 -53.10
N ILE C 299 -8.06 -15.06 -52.11
CA ILE C 299 -8.69 -15.22 -50.81
C ILE C 299 -8.79 -13.92 -50.03
N ASN C 300 -7.98 -12.92 -50.35
CA ASN C 300 -8.06 -11.66 -49.61
C ASN C 300 -9.35 -10.90 -49.90
N ALA C 301 -10.05 -11.25 -50.98
CA ALA C 301 -11.37 -10.67 -51.23
C ALA C 301 -12.44 -11.28 -50.33
N PHE C 302 -12.24 -12.52 -49.86
CA PHE C 302 -13.11 -13.14 -48.87
C PHE C 302 -12.59 -13.00 -47.45
N LEU C 303 -11.27 -12.85 -47.29
CA LEU C 303 -10.61 -12.79 -45.99
C LEU C 303 -9.89 -11.45 -45.90
N PRO C 304 -10.62 -10.36 -45.61
CA PRO C 304 -10.01 -9.03 -45.65
C PRO C 304 -8.80 -8.93 -44.74
N THR C 305 -7.70 -8.44 -45.32
CA THR C 305 -6.42 -8.40 -44.60
C THR C 305 -6.47 -7.48 -43.40
N LYS C 306 -7.25 -6.39 -43.47
CA LYS C 306 -7.33 -5.44 -42.37
C LYS C 306 -7.90 -6.08 -41.11
N VAL C 307 -8.77 -7.07 -41.24
CA VAL C 307 -9.47 -7.65 -40.11
C VAL C 307 -9.06 -9.09 -39.81
N CYS C 308 -8.24 -9.71 -40.66
CA CYS C 308 -7.92 -11.13 -40.52
C CYS C 308 -6.48 -11.30 -40.08
N LYS C 309 -6.28 -11.58 -38.80
CA LYS C 309 -4.97 -12.00 -38.31
C LYS C 309 -4.83 -13.50 -38.52
N PRO C 310 -3.67 -13.97 -38.98
CA PRO C 310 -3.48 -15.42 -39.16
C PRO C 310 -3.53 -16.16 -37.83
N PHE C 311 -4.06 -17.38 -37.89
CA PHE C 311 -4.38 -18.12 -36.67
C PHE C 311 -3.14 -18.40 -35.83
N GLU C 312 -2.05 -18.83 -36.47
CA GLU C 312 -0.85 -19.17 -35.71
C GLU C 312 -0.22 -17.94 -35.05
N ASP C 313 -0.60 -16.75 -35.48
CA ASP C 313 -0.21 -15.50 -34.82
C ASP C 313 -1.25 -15.02 -33.82
N VAL C 314 -2.52 -15.33 -34.03
CA VAL C 314 -3.56 -14.97 -33.06
C VAL C 314 -3.33 -15.72 -31.76
N VAL C 315 -3.42 -17.05 -31.82
CA VAL C 315 -3.39 -17.89 -30.63
C VAL C 315 -1.97 -18.32 -30.26
N GLY C 316 -0.96 -17.91 -31.04
CA GLY C 316 0.41 -18.22 -30.70
C GLY C 316 0.87 -17.61 -29.39
N ASN C 317 0.13 -16.64 -28.87
CA ASN C 317 0.42 -16.05 -27.57
C ASN C 317 0.05 -16.98 -26.42
N LEU C 318 -0.85 -17.93 -26.63
CA LEU C 318 -1.30 -18.81 -25.58
C LEU C 318 -0.46 -20.09 -25.56
N ASP C 319 -0.92 -21.09 -24.81
CA ASP C 319 -0.22 -22.36 -24.69
C ASP C 319 -0.76 -23.33 -25.75
N ASN C 320 -0.29 -24.58 -25.71
CA ASN C 320 -0.69 -25.55 -26.72
C ASN C 320 -2.11 -26.06 -26.51
N LYS C 321 -2.47 -26.37 -25.24
CA LYS C 321 -3.81 -26.85 -24.97
C LYS C 321 -4.86 -25.78 -25.22
N SER C 322 -4.51 -24.51 -25.00
CA SER C 322 -5.45 -23.42 -25.22
C SER C 322 -5.71 -23.18 -26.70
N LYS C 323 -4.72 -23.45 -27.56
CA LYS C 323 -4.95 -23.32 -29.00
C LYS C 323 -6.01 -24.30 -29.48
N LEU C 324 -6.00 -25.52 -28.93
CA LEU C 324 -7.00 -26.51 -29.32
C LEU C 324 -8.39 -26.09 -28.88
N GLN C 325 -8.52 -25.52 -27.68
CA GLN C 325 -9.82 -25.04 -27.23
C GLN C 325 -10.30 -23.86 -28.05
N VAL C 326 -9.39 -23.01 -28.52
CA VAL C 326 -9.77 -21.92 -29.42
C VAL C 326 -10.32 -22.47 -30.72
N ALA C 327 -9.60 -23.42 -31.32
CA ALA C 327 -10.01 -23.96 -32.62
C ALA C 327 -11.36 -24.65 -32.54
N ARG C 328 -11.55 -25.50 -31.53
CA ARG C 328 -12.78 -26.28 -31.44
C ARG C 328 -13.97 -25.43 -30.99
N GLU C 329 -13.75 -24.41 -30.15
CA GLU C 329 -14.86 -23.54 -29.77
C GLU C 329 -15.27 -22.65 -30.93
N VAL C 330 -14.31 -22.18 -31.73
CA VAL C 330 -14.66 -21.42 -32.94
C VAL C 330 -15.36 -22.31 -33.94
N ILE C 331 -14.93 -23.57 -34.05
CA ILE C 331 -15.56 -24.50 -34.99
C ILE C 331 -16.99 -24.82 -34.55
N GLU C 332 -17.17 -25.19 -33.28
CA GLU C 332 -18.50 -25.55 -32.81
C GLU C 332 -19.46 -24.38 -32.82
N ARG C 333 -18.94 -23.15 -32.65
CA ARG C 333 -19.80 -21.98 -32.57
C ARG C 333 -20.32 -21.53 -33.93
N ASN C 334 -19.54 -21.76 -35.00
CA ASN C 334 -19.86 -21.18 -36.30
C ASN C 334 -19.94 -22.18 -37.44
N ARG C 335 -19.90 -23.48 -37.16
CA ARG C 335 -19.99 -24.47 -38.24
C ARG C 335 -21.37 -24.48 -38.88
N LYS C 336 -22.42 -24.23 -38.10
CA LYS C 336 -23.77 -24.29 -38.63
C LYS C 336 -24.08 -23.11 -39.55
N ASP C 337 -23.32 -22.02 -39.45
CA ASP C 337 -23.59 -20.81 -40.24
C ASP C 337 -22.65 -20.70 -41.44
N ILE C 338 -21.35 -20.62 -41.19
CA ILE C 338 -20.37 -20.36 -42.25
C ILE C 338 -19.25 -21.39 -42.19
N PRO C 339 -19.52 -22.66 -42.50
CA PRO C 339 -18.46 -23.67 -42.41
C PRO C 339 -17.37 -23.49 -43.45
N PHE C 340 -17.66 -22.84 -44.58
CA PHE C 340 -16.64 -22.60 -45.58
C PHE C 340 -15.68 -21.49 -45.17
N GLY C 341 -16.18 -20.49 -44.43
CA GLY C 341 -15.28 -19.49 -43.89
C GLY C 341 -14.30 -20.07 -42.90
N LEU C 342 -14.77 -21.02 -42.08
CA LEU C 342 -13.86 -21.73 -41.18
C LEU C 342 -12.83 -22.55 -41.96
N LEU C 343 -13.28 -23.20 -43.04
CA LEU C 343 -12.36 -23.99 -43.86
C LEU C 343 -11.29 -23.11 -44.49
N ILE C 344 -11.71 -22.05 -45.18
CA ILE C 344 -10.76 -21.19 -45.90
C ILE C 344 -9.82 -20.49 -44.92
N TYR C 345 -10.31 -20.14 -43.73
CA TYR C 345 -9.48 -19.43 -42.77
C TYR C 345 -8.31 -20.29 -42.30
N PHE C 346 -8.60 -21.48 -41.78
CA PHE C 346 -7.54 -22.34 -41.26
C PHE C 346 -6.62 -22.82 -42.38
N VAL C 347 -7.19 -23.13 -43.56
CA VAL C 347 -6.38 -23.67 -44.65
C VAL C 347 -5.44 -22.61 -45.20
N ASN C 348 -5.89 -21.36 -45.28
CA ASN C 348 -5.13 -20.32 -45.97
C ASN C 348 -4.52 -19.27 -45.05
N LYS C 349 -4.94 -19.18 -43.80
CA LYS C 349 -4.38 -18.19 -42.88
C LYS C 349 -3.76 -18.86 -41.66
N PHE C 350 -2.68 -19.61 -41.88
CA PHE C 350 -1.96 -20.25 -40.78
C PHE C 350 -0.56 -19.69 -40.61
N SER C 351 -0.29 -18.54 -41.23
CA SER C 351 0.94 -17.74 -41.02
C SER C 351 2.16 -18.52 -41.52
N LYS C 352 3.24 -18.60 -40.75
CA LYS C 352 4.51 -19.05 -41.32
C LYS C 352 4.44 -20.52 -41.73
N ASN C 353 3.74 -21.34 -40.95
CA ASN C 353 3.49 -22.74 -41.31
C ASN C 353 2.30 -22.81 -42.26
N GLU C 354 2.48 -22.19 -43.43
CA GLU C 354 1.36 -21.96 -44.34
C GLU C 354 0.85 -23.24 -44.97
N GLU C 355 1.76 -24.12 -45.38
CA GLU C 355 1.43 -25.32 -46.13
C GLU C 355 1.09 -26.52 -45.24
N ASP C 356 0.81 -26.29 -43.95
CA ASP C 356 0.64 -27.39 -43.02
C ASP C 356 -0.58 -28.26 -43.30
N TYR C 357 -1.46 -27.85 -44.21
CA TYR C 357 -2.68 -28.61 -44.52
C TYR C 357 -2.44 -29.44 -45.77
N ILE C 358 -1.70 -30.53 -45.59
CA ILE C 358 -1.49 -31.49 -46.68
C ILE C 358 -2.61 -32.51 -46.75
N ARG C 359 -3.25 -32.83 -45.61
CA ARG C 359 -4.41 -33.70 -45.63
C ARG C 359 -5.51 -33.10 -46.50
N LYS C 360 -5.86 -33.83 -47.57
CA LYS C 360 -6.73 -33.31 -48.63
C LYS C 360 -6.16 -32.03 -49.24
N GLY C 361 -4.83 -31.91 -49.22
CA GLY C 361 -4.15 -30.79 -49.84
C GLY C 361 -3.83 -31.09 -51.29
N LEU C 362 -4.74 -30.72 -52.19
CA LEU C 362 -4.61 -31.04 -53.61
C LEU C 362 -3.42 -30.35 -54.28
N GLY C 363 -2.75 -29.43 -53.59
CA GLY C 363 -1.73 -28.61 -54.20
C GLY C 363 -2.25 -27.48 -55.06
N ILE C 364 -3.57 -27.45 -55.33
CA ILE C 364 -4.16 -26.35 -56.07
C ILE C 364 -4.05 -25.08 -55.25
N ASN C 365 -3.73 -23.97 -55.93
CA ASN C 365 -3.49 -22.73 -55.21
C ASN C 365 -4.77 -22.12 -54.66
N GLU C 366 -5.86 -22.16 -55.44
CA GLU C 366 -7.08 -21.49 -55.00
C GLU C 366 -8.36 -22.18 -55.50
N LYS C 367 -8.25 -22.93 -56.60
CA LYS C 367 -9.43 -23.56 -57.21
C LYS C 367 -9.89 -24.79 -56.45
N SER C 368 -9.14 -25.24 -55.43
CA SER C 368 -9.39 -26.54 -54.81
C SER C 368 -10.78 -26.66 -54.21
N LEU C 369 -11.44 -25.54 -53.88
CA LEU C 369 -12.76 -25.62 -53.24
C LEU C 369 -13.77 -26.32 -54.12
N LYS C 370 -13.62 -26.22 -55.45
CA LYS C 370 -14.51 -26.93 -56.37
C LYS C 370 -14.18 -28.42 -56.42
N TYR C 371 -13.00 -28.83 -55.97
CA TYR C 371 -12.46 -30.16 -56.23
C TYR C 371 -12.28 -30.96 -54.93
N LEU C 372 -13.20 -30.79 -53.97
CA LEU C 372 -13.10 -31.52 -52.72
C LEU C 372 -14.51 -31.83 -52.21
N LEU C 373 -14.57 -32.65 -51.15
CA LEU C 373 -15.82 -33.11 -50.59
C LEU C 373 -16.35 -32.10 -49.57
N ASN C 374 -17.51 -32.40 -48.99
CA ASN C 374 -18.29 -31.42 -48.24
C ASN C 374 -17.78 -31.18 -46.82
N ILE C 375 -18.69 -30.73 -45.95
CA ILE C 375 -18.31 -30.19 -44.65
C ILE C 375 -17.65 -31.23 -43.76
N GLY C 376 -17.96 -32.51 -43.96
CA GLY C 376 -17.39 -33.56 -43.13
C GLY C 376 -15.89 -33.63 -43.16
N ASP C 377 -15.26 -33.00 -44.17
CA ASP C 377 -13.81 -32.98 -44.29
C ASP C 377 -13.15 -31.98 -43.34
N VAL C 378 -13.94 -31.07 -42.74
CA VAL C 378 -13.36 -30.09 -41.83
C VAL C 378 -12.76 -30.75 -40.60
N GLN C 379 -13.33 -31.87 -40.16
CA GLN C 379 -12.81 -32.55 -38.98
C GLN C 379 -11.39 -33.05 -39.16
N LYS C 380 -10.95 -33.26 -40.41
CA LYS C 380 -9.56 -33.64 -40.65
C LYS C 380 -8.61 -32.54 -40.20
N ALA C 381 -9.04 -31.29 -40.25
CA ALA C 381 -8.22 -30.20 -39.74
C ALA C 381 -8.11 -30.27 -38.21
N LEU C 382 -9.21 -30.59 -37.53
CA LEU C 382 -9.17 -30.74 -36.09
C LEU C 382 -8.26 -31.90 -35.67
N ASP C 383 -8.19 -32.95 -36.50
CA ASP C 383 -7.26 -34.04 -36.22
C ASP C 383 -5.82 -33.59 -36.38
N LYS C 384 -5.52 -32.86 -37.46
CA LYS C 384 -4.17 -32.35 -37.66
C LYS C 384 -3.82 -31.28 -36.64
N ILE C 385 -4.82 -30.64 -36.03
CA ILE C 385 -4.57 -29.71 -34.93
C ILE C 385 -4.23 -30.50 -33.66
N LEU C 386 -4.93 -31.60 -33.42
CA LEU C 386 -4.62 -32.47 -32.29
C LEU C 386 -3.22 -33.05 -32.42
N GLU C 387 -2.85 -33.49 -33.62
CA GLU C 387 -1.54 -34.08 -33.84
C GLU C 387 -0.42 -33.05 -33.82
N LEU C 388 -0.75 -31.76 -33.93
CA LEU C 388 0.26 -30.71 -33.92
C LEU C 388 0.46 -30.12 -32.54
N LEU C 389 -0.62 -29.89 -31.78
CA LEU C 389 -0.49 -29.22 -30.50
C LEU C 389 -0.09 -30.19 -29.39
N GLU C 390 -0.56 -31.44 -29.44
CA GLU C 390 -0.17 -32.40 -28.42
C GLU C 390 1.31 -32.75 -28.53
N LYS C 391 1.89 -32.66 -29.72
CA LYS C 391 3.32 -32.88 -29.87
C LYS C 391 4.13 -31.67 -29.39
N ARG C 392 3.65 -30.45 -29.69
CA ARG C 392 4.28 -29.26 -29.13
C ARG C 392 4.14 -29.22 -27.62
N TYR C 393 3.08 -29.84 -27.08
CA TYR C 393 2.87 -29.85 -25.64
C TYR C 393 4.01 -30.57 -24.91
N ALA C 394 4.46 -31.71 -25.47
CA ALA C 394 5.56 -32.44 -24.87
C ALA C 394 6.89 -31.70 -25.00
N GLU C 395 7.01 -30.81 -25.98
CA GLU C 395 8.26 -30.08 -26.17
C GLU C 395 8.34 -28.86 -25.25
N GLN C 396 7.22 -28.18 -25.04
CA GLN C 396 7.22 -27.00 -24.18
C GLN C 396 7.17 -27.37 -22.70
N SER C 397 6.61 -28.55 -22.37
CA SER C 397 6.73 -29.04 -21.01
C SER C 397 8.18 -29.41 -20.68
N SER C 398 8.92 -29.88 -21.69
CA SER C 398 10.35 -30.11 -21.49
C SER C 398 11.11 -28.79 -21.40
N ASP C 399 10.63 -27.75 -22.07
CA ASP C 399 11.25 -26.43 -21.96
C ASP C 399 11.08 -25.86 -20.56
N LYS C 400 10.03 -26.29 -19.85
CA LYS C 400 9.80 -25.86 -18.48
C LYS C 400 10.72 -26.58 -17.50
N THR C 401 11.12 -27.81 -17.82
CA THR C 401 11.73 -28.69 -16.82
C THR C 401 13.10 -28.19 -16.37
N LEU C 402 13.88 -27.59 -17.29
CA LEU C 402 15.24 -27.19 -16.93
C LEU C 402 15.28 -26.14 -15.83
N LEU C 403 14.21 -25.36 -15.67
CA LEU C 403 14.16 -24.42 -14.54
C LEU C 403 14.25 -25.14 -13.21
N TYR C 404 13.74 -26.38 -13.14
CA TYR C 404 13.78 -27.18 -11.93
C TYR C 404 14.95 -28.15 -11.90
N TYR C 405 15.82 -28.09 -12.91
CA TYR C 405 17.07 -28.83 -12.91
C TYR C 405 18.27 -27.95 -12.58
N VAL C 406 18.15 -26.63 -12.80
CA VAL C 406 19.26 -25.71 -12.65
C VAL C 406 18.97 -24.59 -11.66
N LYS C 407 17.79 -23.97 -11.76
CA LYS C 407 17.46 -22.82 -10.92
C LYS C 407 16.85 -23.24 -9.58
N PHE C 408 15.69 -23.88 -9.61
CA PHE C 408 15.15 -24.48 -8.40
C PHE C 408 16.06 -25.64 -7.97
N SER C 409 17.12 -25.31 -7.23
CA SER C 409 18.20 -26.25 -6.98
C SER C 409 18.63 -26.13 -5.52
N SER C 410 19.79 -26.73 -5.21
CA SER C 410 20.40 -26.65 -3.88
C SER C 410 19.39 -26.98 -2.79
N SER C 411 18.61 -28.03 -3.02
CA SER C 411 17.39 -28.25 -2.27
C SER C 411 17.49 -29.48 -1.38
N GLY C 412 16.46 -29.65 -0.55
CA GLY C 412 16.26 -30.86 0.21
C GLY C 412 15.14 -31.69 -0.39
N ASN C 413 15.10 -31.75 -1.72
CA ASN C 413 14.11 -32.54 -2.43
C ASN C 413 14.82 -33.50 -3.38
N ILE C 414 14.05 -34.43 -3.94
CA ILE C 414 14.58 -35.45 -4.84
C ILE C 414 14.00 -35.22 -6.23
N ILE C 415 14.73 -35.68 -7.24
CA ILE C 415 14.41 -35.38 -8.63
C ILE C 415 13.75 -36.60 -9.27
N ASP C 416 12.52 -36.42 -9.74
CA ASP C 416 11.81 -37.42 -10.52
C ASP C 416 12.10 -37.32 -12.01
N ASP C 417 12.65 -36.20 -12.46
CA ASP C 417 12.71 -35.90 -13.88
C ASP C 417 13.85 -36.66 -14.56
N LEU C 418 13.59 -37.12 -15.77
CA LEU C 418 14.65 -37.64 -16.61
C LEU C 418 15.63 -36.51 -16.93
N PRO C 419 16.92 -36.82 -17.06
CA PRO C 419 17.92 -35.77 -17.27
C PRO C 419 17.74 -34.95 -18.54
N LYS C 420 18.66 -34.01 -18.76
CA LYS C 420 18.44 -32.93 -19.70
C LYS C 420 18.40 -33.43 -21.14
N ILE C 421 19.28 -34.36 -21.50
CA ILE C 421 19.62 -34.59 -22.90
C ILE C 421 18.43 -35.05 -23.72
N THR C 422 17.58 -34.11 -24.10
CA THR C 422 16.81 -34.22 -25.33
C THR C 422 17.70 -33.56 -26.38
N ASP C 423 18.50 -34.40 -27.04
CA ASP C 423 19.69 -33.92 -27.73
C ASP C 423 19.35 -32.87 -28.78
N ARG C 424 20.34 -32.02 -29.06
CA ARG C 424 20.26 -30.94 -30.04
C ARG C 424 19.10 -29.99 -29.72
N PRO C 425 19.23 -29.17 -28.68
CA PRO C 425 18.21 -28.13 -28.45
C PRO C 425 18.16 -27.17 -29.62
N ASN C 426 16.94 -26.88 -30.08
CA ASN C 426 16.78 -26.18 -31.35
C ASN C 426 17.37 -24.77 -31.32
N ASP C 427 17.39 -24.12 -30.16
CA ASP C 427 17.90 -22.76 -30.06
C ASP C 427 18.08 -22.42 -28.58
N TYR C 428 18.53 -21.18 -28.34
CA TYR C 428 18.59 -20.60 -27.01
C TYR C 428 17.80 -19.29 -27.02
N CYS C 429 17.17 -18.99 -25.88
CA CYS C 429 16.39 -17.76 -25.77
C CYS C 429 17.31 -16.55 -25.87
N VAL C 430 16.81 -15.50 -26.52
CA VAL C 430 17.65 -14.34 -26.81
C VAL C 430 17.73 -13.36 -25.63
N VAL C 431 16.80 -13.45 -24.67
CA VAL C 431 16.75 -12.52 -23.55
C VAL C 431 17.07 -13.21 -22.23
N CYS C 432 16.46 -14.37 -21.97
CA CYS C 432 16.68 -15.08 -20.71
C CYS C 432 17.74 -16.17 -20.82
N GLY C 433 17.91 -16.77 -21.98
CA GLY C 433 18.97 -17.74 -22.21
C GLY C 433 18.57 -19.19 -22.08
N MSE C 434 17.36 -19.48 -21.64
CA MSE C 434 16.90 -20.86 -21.51
C MSE C 434 16.79 -21.52 -22.88
O MSE C 434 16.37 -20.90 -23.85
CB MSE C 434 15.56 -20.93 -20.77
CG MSE C 434 15.58 -20.38 -19.35
SE MSE C 434 16.73 -21.40 -18.13
CE MSE C 434 18.36 -20.35 -18.27
N PRO C 435 17.17 -22.80 -22.96
CA PRO C 435 17.17 -23.49 -24.26
C PRO C 435 15.76 -23.71 -24.78
N ILE C 436 15.56 -23.38 -26.05
CA ILE C 436 14.28 -23.57 -26.74
C ILE C 436 14.34 -24.88 -27.51
N TYR C 437 13.33 -25.73 -27.34
CA TYR C 437 13.28 -27.00 -28.06
C TYR C 437 12.12 -27.10 -29.03
N SER C 438 10.98 -26.46 -28.75
CA SER C 438 9.86 -26.50 -29.67
C SER C 438 10.24 -25.85 -30.99
N SER C 439 9.67 -26.36 -32.07
CA SER C 439 10.08 -25.97 -33.41
C SER C 439 9.52 -24.62 -33.85
N ASN C 440 8.45 -24.16 -33.22
CA ASN C 440 7.70 -23.01 -33.71
C ASN C 440 8.20 -21.63 -33.27
N PRO C 441 8.58 -21.41 -32.00
CA PRO C 441 8.65 -20.03 -31.49
C PRO C 441 9.66 -19.17 -32.25
N VAL C 442 9.24 -17.94 -32.56
CA VAL C 442 10.08 -16.90 -33.13
C VAL C 442 9.78 -15.61 -32.37
N ARG C 443 10.80 -14.74 -32.28
CA ARG C 443 10.64 -13.48 -31.56
C ARG C 443 9.75 -12.52 -32.33
N PHE C 444 8.44 -12.57 -32.08
CA PHE C 444 7.48 -11.60 -32.56
C PHE C 444 6.73 -10.96 -31.41
N VAL C 445 7.46 -10.62 -30.34
CA VAL C 445 6.86 -10.00 -29.17
C VAL C 445 6.35 -8.61 -29.51
N GLN C 446 5.17 -8.27 -29.01
CA GLN C 446 4.54 -6.99 -29.31
C GLN C 446 3.92 -6.38 -28.06
N VAL C 471 24.11 -9.63 -41.47
CA VAL C 471 25.05 -10.15 -40.51
C VAL C 471 24.34 -11.10 -39.54
N ARG C 472 23.10 -10.77 -39.20
CA ARG C 472 22.31 -11.54 -38.26
C ARG C 472 21.00 -11.95 -38.91
N ASP C 473 20.54 -13.16 -38.60
CA ASP C 473 19.36 -13.72 -39.25
C ASP C 473 18.12 -13.58 -38.38
N ASP C 474 17.92 -14.50 -37.45
CA ASP C 474 16.66 -14.60 -36.73
C ASP C 474 16.91 -14.87 -35.25
N TRP C 475 16.06 -14.28 -34.40
CA TRP C 475 16.09 -14.48 -32.96
C TRP C 475 14.76 -15.05 -32.50
N LYS C 476 14.79 -15.83 -31.43
CA LYS C 476 13.62 -16.54 -30.95
C LYS C 476 13.55 -16.44 -29.43
N VAL C 477 12.35 -16.70 -28.89
CA VAL C 477 12.10 -16.62 -27.46
C VAL C 477 11.37 -17.88 -27.00
N CYS C 478 11.59 -18.24 -25.74
CA CYS C 478 11.04 -19.44 -25.12
C CYS C 478 9.64 -19.17 -24.58
N PRO C 479 8.85 -20.22 -24.33
CA PRO C 479 7.48 -20.02 -23.81
C PRO C 479 7.43 -19.49 -22.39
N ILE C 480 8.56 -19.23 -21.75
CA ILE C 480 8.57 -18.75 -20.36
C ILE C 480 8.31 -17.26 -20.33
N CYS C 481 9.25 -16.47 -20.83
CA CYS C 481 9.15 -15.02 -20.77
C CYS C 481 8.06 -14.45 -21.69
N ILE C 482 7.34 -15.28 -22.43
CA ILE C 482 6.12 -14.81 -23.07
C ILE C 482 4.94 -14.92 -22.11
N TYR C 483 4.97 -15.86 -21.17
CA TYR C 483 3.99 -15.89 -20.09
C TYR C 483 4.23 -14.75 -19.11
N GLU C 484 5.49 -14.34 -18.92
CA GLU C 484 5.77 -13.17 -18.10
C GLU C 484 5.21 -11.91 -18.74
N ALA C 485 5.22 -11.84 -20.07
CA ALA C 485 4.66 -10.68 -20.75
C ALA C 485 3.15 -10.61 -20.59
N ASN C 486 2.47 -11.75 -20.74
CA ASN C 486 1.02 -11.79 -20.54
C ASN C 486 0.62 -11.47 -19.10
N LEU C 487 1.58 -11.47 -18.17
CA LEU C 487 1.31 -11.04 -16.80
C LEU C 487 1.56 -9.55 -16.62
N MSE C 488 2.60 -9.01 -17.26
CA MSE C 488 2.91 -7.59 -17.17
C MSE C 488 1.95 -6.75 -17.99
O MSE C 488 1.91 -5.53 -17.86
CB MSE C 488 4.35 -7.32 -17.62
CG MSE C 488 5.40 -7.87 -16.67
SE MSE C 488 7.22 -7.41 -17.21
CE MSE C 488 7.26 -8.30 -18.94
N LYS C 489 1.16 -7.40 -18.85
CA LYS C 489 0.15 -6.70 -19.62
C LYS C 489 -1.00 -6.21 -18.75
N ASP C 490 -1.19 -6.81 -17.57
CA ASP C 490 -2.34 -6.45 -16.74
C ASP C 490 -2.13 -6.82 -15.27
N ARG C 491 -1.77 -8.08 -15.00
CA ARG C 491 -1.80 -8.58 -13.63
C ARG C 491 -0.62 -8.05 -12.80
N VAL C 492 0.55 -7.85 -13.40
CA VAL C 492 1.70 -7.35 -12.65
C VAL C 492 2.31 -6.17 -13.39
N LYS C 493 1.48 -5.28 -13.91
CA LYS C 493 1.98 -4.17 -14.69
C LYS C 493 2.76 -3.19 -13.80
N PRO C 494 3.91 -2.70 -14.28
CA PRO C 494 4.70 -1.74 -13.49
C PRO C 494 3.97 -0.42 -13.35
N PRO C 495 4.46 0.50 -12.49
CA PRO C 495 5.63 0.43 -11.60
C PRO C 495 5.36 -0.40 -10.34
N TYR C 496 6.37 -0.54 -9.48
CA TYR C 496 6.26 -1.40 -8.31
C TYR C 496 6.83 -0.72 -7.09
N PHE C 497 6.18 -0.96 -5.95
CA PHE C 497 6.79 -0.73 -4.64
C PHE C 497 7.42 -2.03 -4.17
N ILE C 498 8.68 -1.97 -3.75
CA ILE C 498 9.42 -3.14 -3.32
C ILE C 498 9.98 -2.89 -1.93
N VAL C 499 9.79 -3.85 -1.03
CA VAL C 499 10.31 -3.78 0.33
C VAL C 499 10.95 -5.12 0.66
N THR C 500 12.23 -5.08 1.05
CA THR C 500 12.99 -6.27 1.39
C THR C 500 13.16 -6.38 2.90
N PHE C 501 13.44 -7.59 3.37
CA PHE C 501 13.56 -7.87 4.79
C PHE C 501 14.92 -8.49 5.08
N TYR C 502 15.48 -8.17 6.23
CA TYR C 502 16.80 -8.63 6.63
C TYR C 502 16.72 -9.25 8.02
N PRO C 503 17.23 -10.47 8.21
CA PRO C 503 17.85 -11.30 7.17
C PRO C 503 16.82 -12.08 6.35
N GLY C 504 15.62 -12.22 6.92
CA GLY C 504 14.55 -12.94 6.27
C GLY C 504 13.23 -12.54 6.89
N VAL C 505 12.16 -13.13 6.36
CA VAL C 505 10.80 -12.81 6.81
C VAL C 505 10.01 -14.10 6.98
N PRO C 506 9.26 -14.25 8.07
CA PRO C 506 8.44 -15.46 8.24
C PRO C 506 7.38 -15.58 7.15
N ILE C 507 7.21 -16.80 6.65
CA ILE C 507 6.24 -17.04 5.59
C ILE C 507 4.82 -16.93 6.11
N SER C 508 4.58 -17.43 7.32
CA SER C 508 3.26 -17.31 7.96
C SER C 508 2.91 -15.86 8.27
N LEU C 509 3.81 -14.91 8.05
CA LEU C 509 3.53 -13.49 8.19
C LEU C 509 3.39 -12.77 6.86
N LEU C 510 4.06 -13.25 5.81
CA LEU C 510 3.92 -12.64 4.48
C LEU C 510 2.49 -12.76 3.98
N ASN C 511 1.88 -13.93 4.14
CA ASN C 511 0.57 -14.20 3.57
C ASN C 511 -0.54 -13.66 4.49
N ILE C 512 -0.17 -12.75 5.39
CA ILE C 512 -1.09 -12.16 6.34
C ILE C 512 -1.21 -10.65 6.16
N ILE C 513 -0.10 -9.97 5.92
CA ILE C 513 -0.08 -8.50 5.86
C ILE C 513 -0.70 -8.05 4.54
N ASP C 514 -1.58 -7.06 4.63
CA ASP C 514 -2.24 -6.46 3.46
C ASP C 514 -2.43 -4.98 3.73
N PHE C 515 -3.05 -4.27 2.78
CA PHE C 515 -3.31 -2.85 2.94
C PHE C 515 -4.54 -2.46 2.15
N ASP C 516 -5.09 -1.28 2.49
CA ASP C 516 -6.29 -0.77 1.83
C ASP C 516 -6.21 0.76 1.85
N PHE C 517 -5.82 1.34 0.72
CA PHE C 517 -5.74 2.79 0.58
C PHE C 517 -6.97 3.38 -0.11
N SER C 518 -7.92 2.55 -0.52
CA SER C 518 -9.02 3.02 -1.36
C SER C 518 -9.93 4.00 -0.62
N GLN C 519 -9.99 3.91 0.71
CA GLN C 519 -10.89 4.75 1.49
C GLN C 519 -10.19 5.92 2.18
N SER C 520 -8.87 6.01 2.07
CA SER C 520 -8.14 7.01 2.84
C SER C 520 -7.17 7.80 1.98
N SER C 521 -6.69 7.20 0.89
CA SER C 521 -5.59 7.75 0.09
C SER C 521 -4.39 7.92 1.01
N ILE C 522 -3.75 9.08 1.04
CA ILE C 522 -2.55 9.29 1.82
C ILE C 522 -2.92 9.72 3.24
N LYS C 523 -2.19 9.17 4.20
CA LYS C 523 -2.25 9.59 5.60
C LYS C 523 -0.82 9.61 6.13
N TYR C 524 -0.51 10.60 6.97
CA TYR C 524 0.88 10.86 7.32
C TYR C 524 1.06 11.35 8.75
N TYR C 525 -0.04 11.59 9.46
CA TYR C 525 0.04 12.06 10.84
C TYR C 525 0.40 10.90 11.76
N ILE C 526 1.59 10.95 12.35
CA ILE C 526 2.00 9.98 13.36
C ILE C 526 2.65 10.72 14.52
N ASP C 527 2.47 10.20 15.72
CA ASP C 527 3.14 10.69 16.92
C ASP C 527 4.02 9.58 17.47
N GLU C 528 5.24 9.94 17.87
CA GLU C 528 6.20 8.93 18.30
C GLU C 528 5.70 8.13 19.51
N GLU C 529 4.95 8.77 20.41
CA GLU C 529 4.57 8.13 21.66
C GLU C 529 3.09 8.25 22.04
N LYS C 530 2.34 9.18 21.44
CA LYS C 530 0.95 9.35 21.84
C LYS C 530 0.09 8.15 21.45
N ASP C 531 0.48 7.42 20.41
CA ASP C 531 -0.24 6.23 19.99
C ASP C 531 0.74 5.08 19.85
N THR C 532 0.20 3.85 19.92
CA THR C 532 1.00 2.65 19.81
C THR C 532 1.31 2.35 18.35
N TYR C 533 2.01 1.25 18.11
CA TYR C 533 2.38 0.89 16.74
C TYR C 533 1.16 0.46 15.93
N PHE C 534 0.25 -0.29 16.54
CA PHE C 534 -0.91 -0.79 15.80
C PHE C 534 -1.88 0.34 15.44
N THR C 535 -2.03 1.32 16.33
CA THR C 535 -2.85 2.49 16.01
C THR C 535 -2.29 3.21 14.79
N ALA C 536 -0.97 3.43 14.78
CA ALA C 536 -0.34 4.03 13.60
C ALA C 536 -0.32 3.07 12.43
N PHE C 537 -0.34 1.76 12.70
CA PHE C 537 -0.41 0.77 11.63
C PHE C 537 -1.71 0.89 10.86
N GLU C 538 -2.85 0.82 11.58
CA GLU C 538 -4.14 0.94 10.91
C GLU C 538 -4.40 2.36 10.42
N LYS C 539 -3.81 3.36 11.09
CA LYS C 539 -3.92 4.73 10.61
C LYS C 539 -3.30 4.89 9.22
N MSE C 540 -2.28 4.09 8.92
CA MSE C 540 -1.64 4.14 7.60
C MSE C 540 -2.40 3.30 6.58
O MSE C 540 -2.01 3.22 5.42
CB MSE C 540 -0.19 3.65 7.69
CG MSE C 540 0.73 4.56 8.50
SE MSE C 540 0.83 6.36 7.81
CE MSE C 540 -0.32 7.26 9.11
N GLY C 541 -3.50 2.70 7.01
CA GLY C 541 -4.26 1.83 6.14
C GLY C 541 -3.80 0.39 6.12
N GLY C 542 -3.03 -0.04 7.12
CA GLY C 542 -2.58 -1.42 7.16
C GLY C 542 -3.69 -2.36 7.58
N ARG C 543 -3.71 -3.54 6.96
CA ARG C 543 -4.73 -4.55 7.22
C ARG C 543 -4.07 -5.89 7.48
N LEU C 544 -4.71 -6.68 8.33
CA LEU C 544 -4.30 -8.05 8.60
C LEU C 544 -5.48 -8.95 8.23
N GLU C 545 -5.35 -9.70 7.15
CA GLU C 545 -6.43 -10.52 6.64
C GLU C 545 -5.95 -11.94 6.38
N PRO C 546 -6.83 -12.93 6.54
CA PRO C 546 -6.42 -14.32 6.27
C PRO C 546 -6.02 -14.56 4.83
N TYR C 547 -6.64 -13.86 3.88
CA TYR C 547 -6.34 -14.00 2.45
C TYR C 547 -5.89 -12.64 1.95
N VAL C 548 -4.57 -12.47 1.78
CA VAL C 548 -4.03 -11.21 1.29
C VAL C 548 -4.26 -11.12 -0.22
N LYS C 549 -4.75 -9.96 -0.67
CA LYS C 549 -5.18 -9.80 -2.05
C LYS C 549 -4.56 -8.63 -2.80
N LYS C 550 -4.08 -7.60 -2.11
CA LYS C 550 -3.47 -6.45 -2.76
C LYS C 550 -1.94 -6.51 -2.75
N VAL C 551 -1.36 -7.66 -2.42
CA VAL C 551 0.06 -7.78 -2.13
C VAL C 551 0.59 -9.05 -2.79
N LEU C 552 1.79 -8.95 -3.39
CA LEU C 552 2.43 -10.05 -4.09
C LEU C 552 3.69 -10.47 -3.36
N PRO C 553 3.60 -11.41 -2.41
CA PRO C 553 4.79 -11.83 -1.66
C PRO C 553 5.68 -12.75 -2.48
N ALA C 554 6.88 -12.28 -2.79
CA ALA C 554 7.90 -13.11 -3.42
C ALA C 554 8.51 -13.97 -2.33
N TYR C 555 7.92 -15.15 -2.13
CA TYR C 555 8.25 -15.98 -0.97
C TYR C 555 9.73 -16.35 -0.95
N PHE C 556 10.20 -17.03 -2.00
CA PHE C 556 11.58 -17.51 -2.04
C PHE C 556 12.60 -16.36 -2.06
N SER C 557 12.16 -15.13 -2.23
CA SER C 557 13.07 -13.99 -2.36
C SER C 557 13.18 -13.16 -1.09
N SER C 558 12.48 -13.56 -0.01
CA SER C 558 12.48 -12.83 1.26
C SER C 558 12.14 -11.35 1.07
N LYS C 559 11.37 -11.05 0.03
CA LYS C 559 10.93 -9.70 -0.26
C LYS C 559 9.51 -9.76 -0.77
N VAL C 560 8.84 -8.62 -0.77
CA VAL C 560 7.44 -8.54 -1.17
C VAL C 560 7.26 -7.33 -2.07
N ILE C 561 6.47 -7.49 -3.13
CA ILE C 561 6.32 -6.50 -4.18
C ILE C 561 4.87 -6.03 -4.22
N ILE C 562 4.68 -4.72 -4.28
CA ILE C 562 3.36 -4.10 -4.30
C ILE C 562 3.15 -3.49 -5.68
N LYS C 563 2.06 -3.88 -6.34
CA LYS C 563 1.72 -3.31 -7.64
C LYS C 563 1.14 -1.92 -7.42
N ALA C 564 1.75 -0.92 -8.09
CA ALA C 564 1.40 0.47 -7.83
C ALA C 564 -0.02 0.83 -8.25
N SER C 565 -0.62 0.06 -9.17
CA SER C 565 -1.99 0.35 -9.58
C SER C 565 -2.97 0.13 -8.44
N GLU C 566 -2.66 -0.78 -7.52
CA GLU C 566 -3.49 -1.02 -6.35
C GLU C 566 -3.16 -0.08 -5.19
N VAL C 567 -2.29 0.89 -5.42
CA VAL C 567 -1.95 1.90 -4.42
C VAL C 567 -2.61 3.23 -4.73
N SER C 568 -2.46 3.72 -5.96
CA SER C 568 -3.05 4.98 -6.39
C SER C 568 -3.92 4.77 -7.61
N ASN C 569 -4.94 5.61 -7.75
CA ASN C 569 -5.86 5.55 -8.87
C ASN C 569 -5.37 6.35 -10.08
N PHE C 570 -4.15 6.89 -10.02
CA PHE C 570 -3.60 7.64 -11.14
C PHE C 570 -3.28 6.70 -12.30
N SER C 571 -3.40 7.24 -13.52
CA SER C 571 -3.06 6.49 -14.73
C SER C 571 -1.54 6.43 -14.84
N LEU C 572 -0.96 5.46 -14.14
CA LEU C 572 0.48 5.34 -14.07
C LEU C 572 1.06 4.82 -15.39
N SER C 573 2.26 5.26 -15.71
CA SER C 573 2.92 4.86 -16.94
C SER C 573 3.54 3.47 -16.78
N THR C 574 4.11 2.97 -17.87
CA THR C 574 4.75 1.66 -17.86
C THR C 574 6.20 1.71 -17.38
N ARG C 575 6.86 2.86 -17.50
CA ARG C 575 8.19 3.04 -16.92
C ARG C 575 8.06 3.73 -15.58
N LEU C 576 8.98 4.64 -15.26
CA LEU C 576 8.90 5.42 -14.02
C LEU C 576 9.42 6.82 -14.32
N SER C 577 8.50 7.74 -14.58
CA SER C 577 8.88 9.13 -14.84
C SER C 577 9.30 9.81 -13.54
N LYS C 578 10.31 10.67 -13.65
CA LYS C 578 10.75 11.42 -12.48
C LYS C 578 9.68 12.39 -12.00
N SER C 579 8.75 12.78 -12.87
CA SER C 579 7.64 13.64 -12.46
C SER C 579 6.54 12.86 -11.75
N GLU C 580 6.41 11.57 -12.04
CA GLU C 580 5.42 10.74 -11.36
C GLU C 580 5.98 9.99 -10.16
N LEU C 581 7.31 9.94 -10.02
CA LEU C 581 7.89 9.49 -8.76
C LEU C 581 7.52 10.43 -7.63
N ASN C 582 7.36 11.73 -7.92
CA ASN C 582 6.92 12.68 -6.90
C ASN C 582 5.50 12.40 -6.44
N LYS C 583 4.76 11.56 -7.17
CA LYS C 583 3.38 11.25 -6.85
C LYS C 583 3.22 9.92 -6.11
N LEU C 584 4.08 8.95 -6.38
CA LEU C 584 4.05 7.68 -5.66
C LEU C 584 4.83 7.73 -4.36
N LEU C 585 5.74 8.69 -4.23
CA LEU C 585 6.56 8.79 -3.01
C LEU C 585 5.75 8.96 -1.72
N PRO C 586 4.67 9.75 -1.69
CA PRO C 586 3.89 9.84 -0.43
C PRO C 586 3.39 8.52 0.11
N TYR C 587 3.38 7.46 -0.71
CA TYR C 587 2.99 6.13 -0.24
C TYR C 587 4.18 5.30 0.25
N ALA C 588 5.41 5.71 -0.08
CA ALA C 588 6.58 4.93 0.32
C ALA C 588 6.71 4.74 1.83
N PRO C 589 6.59 5.78 2.67
CA PRO C 589 6.73 5.54 4.11
C PRO C 589 5.59 4.72 4.69
N MSE C 590 4.39 4.87 4.16
CA MSE C 590 3.24 4.10 4.60
C MSE C 590 3.47 2.61 4.36
O MSE C 590 3.19 1.78 5.22
CB MSE C 590 1.97 4.56 3.87
CG MSE C 590 1.69 6.04 3.99
SE MSE C 590 0.35 6.68 2.73
CE MSE C 590 -1.17 5.61 3.33
N ILE C 591 3.99 2.29 3.17
CA ILE C 591 4.32 0.90 2.85
C ILE C 591 5.38 0.37 3.81
N SER C 592 6.33 1.22 4.20
CA SER C 592 7.38 0.79 5.12
C SER C 592 6.81 0.43 6.48
N MSE C 593 6.01 1.33 7.05
CA MSE C 593 5.44 1.11 8.38
C MSE C 593 4.47 -0.08 8.41
O MSE C 593 4.46 -0.83 9.39
CB MSE C 593 4.72 2.37 8.87
CG MSE C 593 5.64 3.38 9.54
SE MSE C 593 4.63 4.57 10.70
CE MSE C 593 3.47 3.21 11.50
N ILE C 594 3.68 -0.23 7.35
CA ILE C 594 2.76 -1.36 7.26
C ILE C 594 3.54 -2.67 7.30
N PHE C 595 4.70 -2.72 6.65
CA PHE C 595 5.58 -3.87 6.70
C PHE C 595 6.63 -3.74 7.80
N LEU C 596 6.23 -3.20 8.95
CA LEU C 596 7.03 -3.21 10.17
C LEU C 596 8.36 -2.47 10.00
N THR C 597 8.28 -1.26 9.42
CA THR C 597 9.44 -0.39 9.23
C THR C 597 10.58 -1.12 8.53
N SER C 598 10.44 -1.30 7.22
CA SER C 598 11.45 -1.98 6.41
C SER C 598 11.78 -1.13 5.20
N PRO C 599 13.00 -1.22 4.68
CA PRO C 599 13.39 -0.37 3.54
C PRO C 599 12.50 -0.61 2.33
N VAL C 600 12.13 0.48 1.67
CA VAL C 600 11.22 0.46 0.53
C VAL C 600 11.95 0.99 -0.70
N LEU C 601 11.73 0.33 -1.83
CA LEU C 601 12.28 0.74 -3.12
C LEU C 601 11.16 0.91 -4.12
N ILE C 602 11.16 2.05 -4.81
CA ILE C 602 10.20 2.31 -5.88
C ILE C 602 10.94 2.11 -7.21
N SER C 603 10.43 1.21 -8.04
CA SER C 603 11.12 0.85 -9.27
C SER C 603 10.10 0.54 -10.36
N SER C 604 10.59 0.51 -11.60
CA SER C 604 9.79 0.14 -12.75
C SER C 604 9.99 -1.32 -13.17
N ASN C 605 10.98 -2.01 -12.62
CA ASN C 605 11.23 -3.40 -12.91
C ASN C 605 11.44 -4.16 -11.61
N LEU C 606 10.91 -5.39 -11.55
CA LEU C 606 11.00 -6.19 -10.34
C LEU C 606 12.44 -6.50 -9.96
N TYR C 607 13.32 -6.65 -10.94
CA TYR C 607 14.67 -7.16 -10.71
C TYR C 607 15.66 -6.07 -10.32
N GLU C 608 15.22 -4.83 -10.12
CA GLU C 608 16.12 -3.78 -9.68
C GLU C 608 16.54 -4.07 -8.24
N MSE C 609 17.82 -4.37 -8.05
CA MSE C 609 18.33 -4.83 -6.77
C MSE C 609 18.55 -3.67 -5.80
O MSE C 609 19.00 -2.59 -6.20
CB MSE C 609 19.63 -5.61 -6.96
CG MSE C 609 19.91 -6.64 -5.88
SE MSE C 609 18.49 -7.96 -5.75
CE MSE C 609 18.47 -8.59 -7.61
N PRO C 610 18.22 -3.89 -4.53
CA PRO C 610 18.52 -2.87 -3.50
C PRO C 610 20.02 -2.60 -3.42
N ILE C 611 20.34 -1.41 -2.91
CA ILE C 611 21.73 -1.00 -2.80
C ILE C 611 22.46 -1.82 -1.73
N HIS C 613 22.82 -0.47 2.16
CA HIS C 613 22.91 -1.32 3.34
C HIS C 613 23.47 -0.56 4.54
N GLU C 614 22.58 -0.05 5.37
CA GLU C 614 22.95 0.66 6.59
C GLU C 614 22.13 0.10 7.75
N ARG C 615 22.49 0.52 8.97
CA ARG C 615 21.73 0.12 10.14
C ARG C 615 20.34 0.75 10.18
N VAL C 616 20.10 1.79 9.39
CA VAL C 616 18.79 2.43 9.30
C VAL C 616 18.21 2.13 7.93
N ILE C 617 16.87 2.18 7.85
CA ILE C 617 16.16 1.86 6.61
C ILE C 617 16.38 2.97 5.59
N SER C 618 16.03 2.70 4.33
CA SER C 618 16.21 3.67 3.25
C SER C 618 15.05 3.58 2.29
N ILE C 619 14.54 4.75 1.88
CA ILE C 619 13.52 4.86 0.85
C ILE C 619 14.19 5.43 -0.40
N THR C 620 14.16 4.66 -1.48
CA THR C 620 14.96 4.98 -2.64
C THR C 620 14.20 4.63 -3.92
N SER C 621 14.74 5.11 -5.04
CA SER C 621 14.24 4.79 -6.37
C SER C 621 15.45 4.69 -7.30
N THR C 622 15.20 4.73 -8.61
CA THR C 622 16.29 4.64 -9.57
C THR C 622 17.21 5.85 -9.47
N TYR C 623 16.64 7.03 -9.22
CA TYR C 623 17.40 8.24 -9.01
C TYR C 623 16.90 8.91 -7.74
N ASN C 624 17.82 9.14 -6.80
CA ASN C 624 17.46 9.58 -5.45
C ASN C 624 17.60 11.09 -5.32
N TYR C 625 16.53 11.73 -4.86
CA TYR C 625 16.64 13.11 -4.41
C TYR C 625 17.38 13.15 -3.07
N THR C 626 17.90 14.34 -2.74
CA THR C 626 18.66 14.48 -1.50
C THR C 626 17.75 14.43 -0.28
N PHE C 627 16.49 14.85 -0.41
CA PHE C 627 15.60 14.82 0.74
C PHE C 627 15.14 13.40 1.09
N MSE C 628 15.58 12.39 0.35
CA MSE C 628 15.23 11.01 0.66
C MSE C 628 16.36 10.34 1.43
O MSE C 628 16.33 9.14 1.66
CB MSE C 628 14.91 10.23 -0.61
CG MSE C 628 14.00 10.97 -1.59
SE MSE C 628 13.15 9.79 -2.90
CE MSE C 628 14.68 8.67 -3.34
N LYS C 629 17.36 11.13 1.82
CA LYS C 629 18.48 10.61 2.58
C LYS C 629 18.00 10.05 3.92
N SER C 630 18.63 8.96 4.35
CA SER C 630 18.26 8.31 5.60
C SER C 630 18.92 9.02 6.77
N LEU C 631 18.12 9.70 7.58
CA LEU C 631 18.62 10.34 8.78
C LEU C 631 19.04 9.28 9.81
N ASN C 632 19.57 9.74 10.94
CA ASN C 632 20.22 8.86 11.90
C ASN C 632 19.27 7.92 12.62
N SER C 633 17.98 7.91 12.29
CA SER C 633 17.05 7.01 12.94
C SER C 633 15.86 6.78 12.02
N ASN C 634 15.28 5.57 12.11
CA ASN C 634 14.13 5.23 11.28
C ASN C 634 12.97 6.18 11.52
N LEU C 635 12.82 6.68 12.76
CA LEU C 635 11.73 7.60 13.05
C LEU C 635 11.90 8.92 12.31
N LEU C 636 13.13 9.40 12.19
CA LEU C 636 13.39 10.67 11.51
C LEU C 636 13.34 10.51 9.98
N THR C 637 13.72 9.35 9.47
CA THR C 637 13.59 9.12 8.03
C THR C 637 12.11 9.11 7.62
N LEU C 638 11.26 8.46 8.42
CA LEU C 638 9.84 8.45 8.14
C LEU C 638 9.25 9.85 8.21
N TYR C 639 9.63 10.62 9.23
CA TYR C 639 9.18 12.01 9.34
C TYR C 639 9.65 12.83 8.15
N SER C 640 10.81 12.50 7.59
CA SER C 640 11.34 13.29 6.47
C SER C 640 10.46 13.18 5.24
N ILE C 641 9.95 11.99 4.95
CA ILE C 641 9.06 11.83 3.81
C ILE C 641 7.60 12.12 4.20
N PHE C 642 7.21 11.80 5.43
CA PHE C 642 5.89 12.22 5.91
C PHE C 642 5.71 13.73 5.82
N ALA C 643 6.80 14.48 5.97
CA ALA C 643 6.73 15.92 5.75
C ALA C 643 6.42 16.24 4.28
N TYR C 644 6.95 15.44 3.36
CA TYR C 644 6.63 15.64 1.95
C TYR C 644 5.20 15.25 1.64
N SER C 645 4.66 14.24 2.32
CA SER C 645 3.27 13.86 2.11
C SER C 645 2.33 14.98 2.54
N ALA C 646 2.68 15.71 3.59
CA ALA C 646 1.86 16.83 4.04
C ALA C 646 1.92 17.98 3.03
N LYS C 647 3.08 18.20 2.42
CA LYS C 647 3.19 19.25 1.41
C LYS C 647 2.49 18.84 0.12
N TYR C 648 2.60 17.56 -0.26
CA TYR C 648 1.88 17.08 -1.44
C TYR C 648 0.38 17.20 -1.24
N ASP C 649 -0.10 17.01 0.00
CA ASP C 649 -1.53 17.13 0.26
C ASP C 649 -2.01 18.56 0.17
N ALA C 650 -1.13 19.53 0.33
CA ALA C 650 -1.48 20.94 0.19
C ALA C 650 -1.42 21.41 -1.26
N MSE C 651 -0.44 20.96 -2.03
CA MSE C 651 -0.33 21.30 -3.43
C MSE C 651 -1.48 20.66 -4.21
O MSE C 651 -1.91 21.17 -5.25
CB MSE C 651 1.01 20.84 -4.01
CG MSE C 651 2.22 21.32 -3.23
SE MSE C 651 2.41 23.26 -3.24
CE MSE C 651 2.82 23.53 -5.12
N ARG C 652 -1.98 19.53 -3.69
CA ARG C 652 -3.19 18.93 -4.23
C ARG C 652 -4.36 19.91 -4.22
N LYS C 653 -4.42 20.77 -3.21
CA LYS C 653 -5.47 21.79 -3.13
C LYS C 653 -5.14 23.03 -3.95
N ILE C 654 -3.86 23.40 -4.05
CA ILE C 654 -3.46 24.64 -4.69
C ILE C 654 -3.48 24.49 -6.21
N CYS C 655 -2.49 23.79 -6.76
CA CYS C 655 -2.32 23.74 -8.20
C CYS C 655 -3.40 22.87 -8.86
N GLY C 656 -3.75 23.23 -10.08
CA GLY C 656 -4.78 22.51 -10.82
C GLY C 656 -4.31 21.16 -11.32
N ARG C 657 -5.15 20.56 -12.17
CA ARG C 657 -4.87 19.22 -12.66
C ARG C 657 -3.66 19.18 -13.57
N SER C 658 -3.41 20.25 -14.32
CA SER C 658 -2.27 20.31 -15.24
C SER C 658 -1.05 21.01 -14.65
N ASP C 659 -1.24 21.91 -13.69
CA ASP C 659 -0.11 22.63 -13.11
C ASP C 659 0.60 21.85 -12.03
N LEU C 660 0.02 20.77 -11.52
CA LEU C 660 0.58 20.08 -10.36
C LEU C 660 1.93 19.45 -10.69
N ASP C 661 2.07 18.87 -11.88
CA ASP C 661 3.34 18.27 -12.27
C ASP C 661 4.44 19.33 -12.34
N ASN C 662 4.11 20.52 -12.87
CA ASN C 662 5.07 21.62 -12.85
C ASN C 662 5.23 22.18 -11.45
N CYS C 663 4.20 22.06 -10.61
CA CYS C 663 4.29 22.56 -9.24
C CYS C 663 5.19 21.68 -8.39
N LEU C 664 4.99 20.36 -8.46
CA LEU C 664 5.81 19.45 -7.66
C LEU C 664 7.27 19.48 -8.08
N GLY C 665 7.55 19.83 -9.33
CA GLY C 665 8.94 19.92 -9.77
C GLY C 665 9.66 21.10 -9.14
N TYR C 666 9.01 22.27 -9.11
CA TYR C 666 9.62 23.42 -8.47
C TYR C 666 9.79 23.22 -6.97
N LEU C 667 8.87 22.49 -6.34
CA LEU C 667 9.02 22.17 -4.92
C LEU C 667 10.18 21.20 -4.70
N THR C 668 10.22 20.13 -5.49
CA THR C 668 11.27 19.12 -5.32
C THR C 668 12.64 19.69 -5.60
N GLU C 669 12.75 20.62 -6.55
CA GLU C 669 14.04 21.24 -6.84
C GLU C 669 14.54 22.05 -5.65
N GLU C 670 13.63 22.57 -4.83
CA GLU C 670 14.03 23.35 -3.66
C GLU C 670 14.36 22.43 -2.48
N MSE C 671 13.54 21.41 -2.26
CA MSE C 671 13.77 20.48 -1.15
C MSE C 671 15.08 19.74 -1.32
O MSE C 671 15.83 19.56 -0.36
CB MSE C 671 12.62 19.47 -1.06
CG MSE C 671 11.24 20.08 -0.85
SE MSE C 671 9.98 18.79 -0.15
CE MSE C 671 10.24 17.40 -1.49
N ASP C 672 15.36 19.32 -2.55
CA ASP C 672 16.63 18.65 -2.84
C ASP C 672 17.81 19.59 -2.62
N LEU C 673 17.60 20.89 -2.76
CA LEU C 673 18.65 21.88 -2.54
C LEU C 673 18.78 22.25 -1.06
N TYR C 674 17.66 22.40 -0.35
CA TYR C 674 17.73 22.79 1.05
C TYR C 674 18.26 21.65 1.91
N SER C 675 17.77 20.43 1.68
CA SER C 675 18.28 19.28 2.42
C SER C 675 19.76 19.01 2.13
N SER C 676 20.34 19.67 1.12
CA SER C 676 21.76 19.51 0.85
C SER C 676 22.63 20.26 1.85
N VAL C 677 22.05 21.02 2.77
CA VAL C 677 22.83 21.70 3.80
C VAL C 677 22.35 21.24 5.18
N ASP C 678 21.06 20.88 5.28
CA ASP C 678 20.47 20.38 6.50
C ASP C 678 19.06 19.88 6.23
N PRO C 679 18.68 18.71 6.75
CA PRO C 679 17.33 18.19 6.48
C PRO C 679 16.22 19.01 7.13
N ALA C 680 16.52 19.79 8.17
CA ALA C 680 15.50 20.64 8.77
C ALA C 680 15.03 21.71 7.79
N LEU C 681 15.94 22.21 6.96
CA LEU C 681 15.53 23.15 5.91
C LEU C 681 14.77 22.43 4.80
N GLY C 682 15.00 21.14 4.63
CA GLY C 682 14.20 20.36 3.70
C GLY C 682 12.76 20.22 4.16
N VAL C 683 12.54 20.15 5.48
CA VAL C 683 11.18 20.11 6.00
C VAL C 683 10.50 21.46 5.81
N LEU C 684 11.25 22.55 5.96
CA LEU C 684 10.72 23.89 5.78
C LEU C 684 10.64 24.30 4.32
N SER C 685 11.09 23.45 3.40
CA SER C 685 11.04 23.78 1.98
C SER C 685 9.59 23.72 1.49
N ILE C 686 9.12 24.82 0.91
CA ILE C 686 7.76 24.93 0.40
C ILE C 686 7.83 25.63 -0.96
N GLY C 687 8.80 26.53 -1.09
CA GLY C 687 8.93 27.34 -2.29
C GLY C 687 9.14 28.79 -1.90
N MSE C 688 8.15 29.62 -2.17
CA MSE C 688 8.09 30.98 -1.65
C MSE C 688 9.30 31.84 -2.06
O MSE C 688 9.65 32.79 -1.37
CB MSE C 688 7.95 30.95 -0.13
CG MSE C 688 6.73 30.15 0.34
SE MSE C 688 6.46 30.09 2.26
CE MSE C 688 8.10 29.16 2.78
N GLY C 689 9.92 31.47 -3.18
CA GLY C 689 10.84 32.36 -3.86
C GLY C 689 10.08 33.09 -4.94
N VAL C 690 10.06 32.52 -6.15
CA VAL C 690 9.11 32.90 -7.18
C VAL C 690 8.51 31.61 -7.72
N GLY C 691 9.03 31.15 -8.87
CA GLY C 691 8.56 29.90 -9.43
C GLY C 691 7.07 29.93 -9.73
N THR C 692 6.37 28.89 -9.27
CA THR C 692 4.92 28.88 -9.37
C THR C 692 4.35 30.00 -8.50
N PRO C 693 3.14 30.53 -8.86
CA PRO C 693 2.63 31.78 -8.28
C PRO C 693 3.05 32.12 -6.85
N ILE C 694 3.74 33.25 -6.72
CA ILE C 694 4.24 33.70 -5.42
C ILE C 694 3.11 34.19 -4.50
N ASP C 695 1.90 34.36 -5.03
CA ASP C 695 0.79 34.91 -4.27
C ASP C 695 0.59 34.15 -2.97
N THR C 696 0.75 34.87 -1.85
CA THR C 696 0.81 34.20 -0.55
C THR C 696 -0.57 33.88 0.00
N ASP C 697 -1.50 34.84 -0.08
CA ASP C 697 -2.84 34.62 0.45
C ASP C 697 -3.55 33.49 -0.29
N GLU C 698 -3.22 33.29 -1.56
CA GLU C 698 -3.77 32.18 -2.34
C GLU C 698 -3.15 30.84 -1.95
N LYS C 699 -2.07 30.85 -1.16
CA LYS C 699 -1.33 29.64 -0.83
C LYS C 699 -1.35 29.29 0.65
N PHE C 700 -1.20 30.27 1.54
CA PHE C 700 -1.16 29.98 2.96
C PHE C 700 -2.55 29.65 3.49
N PHE C 701 -3.47 30.62 3.38
CA PHE C 701 -4.83 30.47 3.90
C PHE C 701 -5.59 29.33 3.20
N SER C 702 -5.17 28.95 2.00
CA SER C 702 -5.96 27.99 1.23
C SER C 702 -5.60 26.53 1.53
N ALA C 703 -4.38 26.24 1.97
CA ALA C 703 -3.97 24.85 2.05
C ALA C 703 -2.93 24.55 3.13
N PHE C 704 -1.96 25.44 3.33
CA PHE C 704 -0.78 25.09 4.12
C PHE C 704 -0.97 25.22 5.63
N LEU C 705 -1.98 25.97 6.08
CA LEU C 705 -2.17 26.15 7.53
C LEU C 705 -2.45 24.85 8.27
N PRO C 706 -3.35 23.97 7.83
CA PRO C 706 -3.65 22.76 8.62
C PRO C 706 -2.49 21.78 8.77
N VAL C 707 -1.42 21.93 7.99
CA VAL C 707 -0.26 21.05 8.09
C VAL C 707 0.97 21.76 8.61
N SER C 708 0.87 23.05 8.94
CA SER C 708 2.03 23.80 9.37
C SER C 708 2.51 23.36 10.75
N GLY C 709 1.58 23.10 11.67
CA GLY C 709 1.98 22.66 12.99
C GLY C 709 2.68 21.31 12.97
N TYR C 710 2.41 20.49 11.96
CA TYR C 710 3.07 19.20 11.85
C TYR C 710 4.45 19.34 11.20
N LEU C 711 4.56 20.21 10.18
CA LEU C 711 5.86 20.43 9.56
C LEU C 711 6.84 21.06 10.54
N LEU C 712 6.36 21.98 11.38
CA LEU C 712 7.22 22.56 12.41
C LEU C 712 7.61 21.52 13.44
N LYS C 713 6.69 20.61 13.78
CA LYS C 713 7.01 19.55 14.74
C LYS C 713 8.12 18.64 14.20
N VAL C 714 8.06 18.30 12.91
CA VAL C 714 9.11 17.50 12.31
C VAL C 714 10.43 18.27 12.28
N THR C 715 10.37 19.58 12.02
CA THR C 715 11.57 20.39 11.95
C THR C 715 12.31 20.41 13.30
N GLY C 716 11.56 20.46 14.39
CA GLY C 716 12.16 20.61 15.71
C GLY C 716 12.86 19.38 16.26
N LYS C 717 13.03 18.34 15.45
CA LYS C 717 13.67 17.12 15.92
C LYS C 717 14.55 16.42 14.89
N VAL C 718 14.57 16.85 13.62
CA VAL C 718 15.43 16.20 12.64
C VAL C 718 16.87 16.66 12.75
N SER C 719 17.12 17.81 13.37
CA SER C 719 18.48 18.28 13.59
C SER C 719 18.46 19.32 14.71
N LYS C 720 19.64 19.60 15.25
CA LYS C 720 19.75 20.62 16.30
C LYS C 720 19.42 22.00 15.75
N MSE C 721 19.66 22.23 14.47
CA MSE C 721 19.32 23.50 13.84
C MSE C 721 17.80 23.69 13.79
O MSE C 721 17.28 24.76 14.06
CB MSE C 721 19.91 23.60 12.43
CG MSE C 721 19.47 24.84 11.66
SE MSE C 721 20.36 25.01 9.94
CE MSE C 721 22.20 25.16 10.58
N GLY C 722 17.10 22.61 13.44
CA GLY C 722 15.64 22.66 13.40
C GLY C 722 15.02 22.87 14.76
N GLU C 723 15.62 22.29 15.80
CA GLU C 723 15.15 22.54 17.17
C GLU C 723 15.38 24.00 17.55
N THR C 724 16.48 24.59 17.10
CA THR C 724 16.73 26.01 17.35
C THR C 724 15.75 26.88 16.57
N LEU C 725 15.43 26.49 15.33
CA LEU C 725 14.53 27.30 14.52
C LEU C 725 13.09 27.21 15.01
N LYS C 726 12.64 26.00 15.39
CA LYS C 726 11.26 25.85 15.84
C LYS C 726 11.00 26.64 17.11
N SER C 727 11.91 26.53 18.09
CA SER C 727 11.72 27.22 19.36
C SER C 727 11.83 28.74 19.19
N SER C 728 12.65 29.20 18.23
CA SER C 728 12.83 30.63 18.05
C SER C 728 11.65 31.26 17.30
N ILE C 729 11.11 30.56 16.31
CA ILE C 729 9.98 31.10 15.55
C ILE C 729 8.74 31.18 16.44
N PHE C 730 8.50 30.15 17.26
CA PHE C 730 7.34 30.18 18.15
C PHE C 730 7.54 31.20 19.27
N SER C 731 8.76 31.33 19.78
CA SER C 731 9.02 32.35 20.80
C SER C 731 8.80 33.74 20.27
N ILE C 732 8.96 33.95 18.97
CA ILE C 732 8.61 35.24 18.37
C ILE C 732 7.12 35.32 18.09
N ALA C 733 6.53 34.23 17.56
CA ALA C 733 5.10 34.24 17.26
C ALA C 733 4.26 34.39 18.52
N TYR C 734 4.65 33.71 19.61
CA TYR C 734 3.96 33.89 20.88
C TYR C 734 4.10 35.34 21.36
N ALA C 735 5.28 35.92 21.20
CA ALA C 735 5.49 37.31 21.59
C ALA C 735 4.85 38.29 20.61
N LEU C 736 4.58 37.85 19.37
CA LEU C 736 3.95 38.75 18.40
C LEU C 736 2.48 38.97 18.73
N LYS C 737 1.73 37.89 19.00
CA LYS C 737 0.35 38.05 19.40
C LYS C 737 0.23 38.63 20.81
N ASP C 738 1.29 38.56 21.62
CA ASP C 738 1.28 39.20 22.92
C ASP C 738 1.47 40.70 22.80
N ILE C 739 2.18 41.16 21.78
CA ILE C 739 2.35 42.58 21.53
C ILE C 739 1.25 43.12 20.62
N ILE C 740 1.00 42.42 19.50
CA ILE C 740 -0.06 42.79 18.58
C ILE C 740 -1.31 42.05 19.05
N LYS C 741 -1.97 42.60 20.06
CA LYS C 741 -3.17 42.01 20.63
C LYS C 741 -4.40 42.16 19.74
N SER C 742 -4.23 42.35 18.43
CA SER C 742 -5.35 42.50 17.52
C SER C 742 -5.07 41.74 16.23
N GLN C 743 -6.14 41.25 15.61
CA GLN C 743 -6.04 40.52 14.34
C GLN C 743 -5.98 41.45 13.14
N LYS C 744 -5.71 42.73 13.34
CA LYS C 744 -5.70 43.73 12.28
C LYS C 744 -4.41 43.73 11.47
N VAL C 745 -3.61 42.68 11.57
CA VAL C 745 -2.29 42.66 10.94
C VAL C 745 -2.43 42.50 9.44
N SER C 746 -1.48 43.08 8.72
CA SER C 746 -1.28 42.82 7.30
C SER C 746 -0.17 41.78 7.14
N LYS C 747 0.03 41.36 5.89
CA LYS C 747 1.13 40.43 5.62
C LYS C 747 2.47 41.10 5.85
N TYR C 748 2.57 42.40 5.54
CA TYR C 748 3.80 43.15 5.72
C TYR C 748 4.03 43.60 7.17
N ASP C 749 3.01 43.53 8.02
CA ASP C 749 3.16 44.02 9.39
C ASP C 749 3.98 43.05 10.23
N VAL C 750 3.65 41.76 10.19
CA VAL C 750 4.36 40.78 11.00
C VAL C 750 5.66 40.31 10.35
N THR C 751 5.82 40.53 9.04
CA THR C 751 7.04 40.12 8.35
C THR C 751 7.96 41.26 8.01
N GLY C 752 7.49 42.51 8.12
CA GLY C 752 8.28 43.63 7.65
C GLY C 752 9.51 43.89 8.51
N PHE C 753 9.33 43.87 9.83
CA PHE C 753 10.46 44.14 10.72
C PHE C 753 11.56 43.10 10.57
N LEU C 754 11.19 41.86 10.22
CA LEU C 754 12.20 40.84 9.98
C LEU C 754 12.85 41.03 8.61
N ARG C 755 12.07 41.44 7.61
CA ARG C 755 12.62 41.68 6.28
C ARG C 755 13.62 42.83 6.30
N ASP C 756 13.37 43.85 7.12
CA ASP C 756 14.33 44.93 7.26
C ASP C 756 15.63 44.44 7.90
N GLY C 757 15.56 43.40 8.72
CA GLY C 757 16.75 42.80 9.28
C GLY C 757 17.49 41.95 8.28
N VAL C 758 16.73 41.23 7.43
CA VAL C 758 17.34 40.42 6.39
C VAL C 758 18.02 41.31 5.36
N ASP C 759 17.39 42.42 4.99
CA ASP C 759 18.01 43.37 4.07
C ASP C 759 19.30 43.93 4.65
N MSE C 760 19.30 44.22 5.95
CA MSE C 760 20.49 44.71 6.63
C MSE C 760 21.57 43.63 6.68
O MSE C 760 22.77 43.93 6.61
CB MSE C 760 20.13 45.17 8.05
CG MSE C 760 21.33 45.49 8.94
SE MSE C 760 22.41 46.95 8.25
CE MSE C 760 21.05 48.34 8.20
N PHE C 761 21.14 42.38 6.80
CA PHE C 761 22.07 41.26 6.93
C PHE C 761 22.76 40.89 5.63
N PHE C 762 22.18 41.25 4.48
CA PHE C 762 22.70 40.79 3.20
C PHE C 762 23.20 41.89 2.27
N LYS C 763 23.04 43.17 2.62
CA LYS C 763 23.58 44.21 1.76
C LYS C 763 25.11 44.24 1.91
N THR C 764 25.80 44.48 0.79
CA THR C 764 27.23 44.20 0.69
C THR C 764 28.07 44.96 1.70
N THR C 765 27.57 46.08 2.22
CA THR C 765 28.35 46.83 3.20
C THR C 765 28.41 46.11 4.55
N SER C 766 27.39 45.32 4.87
CA SER C 766 27.37 44.57 6.12
C SER C 766 27.88 43.15 5.98
N VAL C 767 27.91 42.62 4.76
CA VAL C 767 28.39 41.25 4.55
C VAL C 767 29.88 41.16 4.88
N ILE C 768 30.61 42.27 4.75
CA ILE C 768 32.04 42.24 5.02
C ILE C 768 32.31 42.18 6.52
N LYS C 769 31.37 42.66 7.35
CA LYS C 769 31.53 42.76 8.79
C LYS C 769 31.95 41.45 9.45
N ASP C 770 32.51 41.54 10.65
CA ASP C 770 32.81 40.35 11.43
C ASP C 770 31.52 39.65 11.83
N LYS C 771 31.66 38.38 12.26
CA LYS C 771 30.50 37.56 12.58
C LYS C 771 29.67 38.17 13.70
N GLU C 772 30.32 38.52 14.81
CA GLU C 772 29.60 39.07 15.95
C GLU C 772 28.99 40.45 15.66
N ASP C 773 29.54 41.18 14.68
CA ASP C 773 28.99 42.48 14.32
C ASP C 773 27.90 42.38 13.26
N ARG C 774 28.05 41.45 12.31
CA ARG C 774 27.04 41.31 11.26
C ARG C 774 25.71 40.82 11.81
N ILE C 775 25.75 39.92 12.79
CA ILE C 775 24.51 39.47 13.42
C ILE C 775 23.98 40.50 14.40
N GLY C 776 24.88 41.25 15.05
CA GLY C 776 24.44 42.23 16.03
C GLY C 776 23.78 43.45 15.40
N ILE C 777 24.26 43.87 14.23
CA ILE C 777 23.67 45.01 13.55
C ILE C 777 22.33 44.63 12.93
N SER C 778 22.22 43.42 12.40
CA SER C 778 20.99 43.01 11.73
C SER C 778 19.84 42.83 12.72
N VAL C 779 20.13 42.27 13.90
CA VAL C 779 19.08 42.12 14.90
C VAL C 779 18.69 43.47 15.49
N ASN C 780 19.64 44.42 15.56
CA ASN C 780 19.30 45.76 16.01
C ASN C 780 18.44 46.47 14.98
N ALA C 781 18.73 46.29 13.69
CA ALA C 781 17.89 46.87 12.65
C ALA C 781 16.52 46.21 12.61
N ALA C 782 16.43 44.95 13.03
CA ALA C 782 15.13 44.27 13.04
C ALA C 782 14.23 44.81 14.15
N ILE C 783 14.78 44.93 15.36
CA ILE C 783 13.96 45.43 16.47
C ILE C 783 13.72 46.93 16.34
N SER C 784 14.62 47.65 15.67
CA SER C 784 14.43 49.09 15.49
C SER C 784 13.26 49.36 14.55
N SER C 785 13.14 48.58 13.48
CA SER C 785 11.99 48.74 12.59
C SER C 785 10.71 48.26 13.24
N LEU C 786 10.81 47.34 14.20
CA LEU C 786 9.62 46.85 14.90
C LEU C 786 9.11 47.88 15.91
N GLU C 787 10.02 48.47 16.69
CA GLU C 787 9.61 49.43 17.72
C GLU C 787 9.07 50.71 17.13
N ASN C 788 9.39 51.01 15.86
CA ASN C 788 8.84 52.21 15.22
C ASN C 788 7.38 52.03 14.81
N LYS C 789 6.90 50.79 14.72
CA LYS C 789 5.51 50.53 14.40
C LYS C 789 4.68 50.17 15.63
N TYR C 790 5.27 49.48 16.61
CA TYR C 790 4.54 49.04 17.78
C TYR C 790 5.40 49.21 19.01
N ALA C 791 4.75 49.20 20.17
CA ALA C 791 5.41 49.42 21.46
C ALA C 791 5.78 48.08 22.09
N LEU C 792 7.06 47.92 22.41
CA LEU C 792 7.55 46.75 23.12
C LEU C 792 7.74 47.06 24.60
N ASP C 793 8.10 46.03 25.36
CA ASP C 793 8.40 46.17 26.78
C ASP C 793 9.86 45.83 27.01
N ASP C 794 10.42 46.38 28.10
CA ASP C 794 11.83 46.17 28.41
C ASP C 794 12.11 44.70 28.69
N GLN C 795 11.22 44.03 29.42
CA GLN C 795 11.37 42.62 29.73
C GLN C 795 10.79 41.72 28.63
N HIS C 796 10.03 42.27 27.70
CA HIS C 796 9.40 41.48 26.64
C HIS C 796 10.20 41.47 25.35
N ARG C 797 10.95 42.55 25.05
CA ARG C 797 11.75 42.57 23.83
C ARG C 797 12.99 41.69 23.94
N ALA C 798 13.40 41.32 25.17
CA ALA C 798 14.61 40.55 25.33
C ALA C 798 14.48 39.15 24.73
N GLN C 799 13.29 38.56 24.80
CA GLN C 799 13.10 37.25 24.20
C GLN C 799 13.00 37.34 22.68
N VAL C 800 12.44 38.43 22.16
CA VAL C 800 12.45 38.65 20.71
C VAL C 800 13.86 38.90 20.22
N TYR C 801 14.63 39.70 20.96
CA TYR C 801 16.01 39.96 20.59
C TYR C 801 16.86 38.70 20.68
N SER C 802 16.63 37.87 21.70
CA SER C 802 17.40 36.64 21.84
C SER C 802 17.05 35.62 20.77
N ALA C 803 15.78 35.59 20.32
CA ALA C 803 15.41 34.67 19.25
C ALA C 803 15.92 35.15 17.90
N LEU C 804 15.95 36.47 17.69
CA LEU C 804 16.49 37.00 16.45
C LEU C 804 17.98 36.75 16.32
N GLN C 805 18.69 36.67 17.45
CA GLN C 805 20.10 36.31 17.40
C GLN C 805 20.28 34.88 16.89
N ASP C 806 19.53 33.94 17.47
CA ASP C 806 19.65 32.54 17.05
C ASP C 806 19.25 32.35 15.60
N ILE C 807 18.31 33.17 15.10
CA ILE C 807 17.90 33.06 13.70
C ILE C 807 19.03 33.52 12.79
N PHE C 808 19.57 34.71 13.04
CA PHE C 808 20.66 35.21 12.23
C PHE C 808 21.97 34.49 12.51
N LYS C 809 22.10 33.82 13.65
CA LYS C 809 23.24 32.94 13.87
C LYS C 809 23.20 31.76 12.90
N THR C 810 22.01 31.20 12.67
CA THR C 810 21.88 30.11 11.71
C THR C 810 22.00 30.61 10.28
N LEU C 811 21.51 31.82 10.00
CA LEU C 811 21.65 32.39 8.67
C LEU C 811 23.11 32.63 8.32
N TYR C 812 23.96 32.83 9.32
CA TYR C 812 25.39 32.94 9.07
C TYR C 812 26.03 31.57 8.85
N SER C 813 25.57 30.55 9.59
CA SER C 813 26.13 29.21 9.44
C SER C 813 25.70 28.59 8.11
N ILE C 814 24.53 28.96 7.60
CA ILE C 814 24.07 28.46 6.31
C ILE C 814 24.53 29.41 5.21
N GLU C 815 25.40 30.36 5.55
CA GLU C 815 26.15 31.13 4.58
C GLU C 815 27.62 30.76 4.54
N GLU C 816 28.21 30.40 5.68
CA GLU C 816 29.51 29.74 5.69
C GLU C 816 29.48 28.50 4.80
N GLU C 817 28.61 27.55 5.15
CA GLU C 817 28.19 26.52 4.20
C GLU C 817 27.27 27.15 3.16
N SER C 818 27.30 26.62 1.95
CA SER C 818 26.50 27.12 0.83
C SER C 818 26.89 28.54 0.41
N ASP C 819 25.89 29.30 -0.05
CA ASP C 819 26.13 30.54 -0.77
C ASP C 819 25.21 31.63 -0.25
N ARG C 820 25.62 32.88 -0.46
CA ARG C 820 24.77 34.03 -0.19
C ARG C 820 23.50 33.99 -1.03
N SER C 821 23.60 33.53 -2.28
CA SER C 821 22.44 33.47 -3.15
C SER C 821 21.42 32.44 -2.68
N LEU C 822 21.83 31.47 -1.85
CA LEU C 822 20.90 30.53 -1.24
C LEU C 822 20.45 30.97 0.15
N ALA C 823 21.33 31.59 0.94
CA ALA C 823 20.94 32.07 2.26
C ALA C 823 19.84 33.12 2.16
N ILE C 824 19.83 33.91 1.08
CA ILE C 824 18.75 34.87 0.88
C ILE C 824 17.44 34.14 0.57
N SER C 825 17.50 33.08 -0.24
CA SER C 825 16.31 32.30 -0.53
C SER C 825 15.81 31.58 0.71
N ILE C 826 16.71 31.19 1.61
CA ILE C 826 16.28 30.57 2.87
C ILE C 826 15.70 31.65 3.80
N ALA C 827 16.28 32.86 3.76
CA ALA C 827 15.75 33.95 4.58
C ALA C 827 14.33 34.30 4.18
N ASN C 828 14.05 34.39 2.87
CA ASN C 828 12.68 34.59 2.41
C ASN C 828 11.79 33.43 2.81
N THR C 829 12.35 32.21 2.87
CA THR C 829 11.57 31.07 3.33
C THR C 829 11.25 31.21 4.82
N LEU C 830 12.24 31.59 5.63
CA LEU C 830 12.01 31.76 7.06
C LEU C 830 11.12 32.97 7.34
N SER C 831 11.26 34.03 6.55
CA SER C 831 10.44 35.22 6.76
C SER C 831 8.96 34.91 6.55
N ASN C 832 8.65 34.05 5.58
CA ASN C 832 7.25 33.67 5.38
C ASN C 832 6.77 32.70 6.45
N TRP C 833 7.67 31.89 7.00
CA TRP C 833 7.28 30.97 8.07
C TRP C 833 6.89 31.72 9.34
N LEU C 834 7.43 32.92 9.54
CA LEU C 834 7.02 33.73 10.69
C LEU C 834 5.56 34.15 10.56
N TYR C 835 5.12 34.49 9.34
CA TYR C 835 3.70 34.74 9.12
C TYR C 835 2.87 33.49 9.36
N ILE C 836 3.43 32.32 9.06
CA ILE C 836 2.70 31.07 9.23
C ILE C 836 2.49 30.77 10.72
N ALA C 837 3.55 30.95 11.51
CA ALA C 837 3.44 30.67 12.94
C ALA C 837 2.53 31.66 13.65
N TYR C 838 2.50 32.91 13.19
CA TYR C 838 1.60 33.89 13.79
C TYR C 838 0.15 33.49 13.57
N LYS C 839 -0.19 33.04 12.36
CA LYS C 839 -1.53 32.53 12.10
C LYS C 839 -1.75 31.17 12.75
N LEU C 840 -0.68 30.48 13.15
CA LEU C 840 -0.83 29.16 13.76
C LEU C 840 -1.07 29.25 15.25
N VAL C 841 -0.47 30.23 15.92
CA VAL C 841 -0.67 30.41 17.36
C VAL C 841 -2.02 31.03 17.68
N LEU C 842 -2.70 31.59 16.69
CA LEU C 842 -4.06 32.10 16.88
C LEU C 842 -5.13 31.07 16.56
N GLN C 843 -4.74 29.88 16.09
CA GLN C 843 -5.72 28.87 15.71
C GLN C 843 -6.52 28.36 16.90
N GLY C 844 -5.90 28.30 18.08
CA GLY C 844 -6.57 27.82 19.28
C GLY C 844 -7.70 28.75 19.71
P PO4 D . 5.82 -39.37 19.44
O1 PO4 D . 4.66 -38.64 20.07
O2 PO4 D . 5.77 -39.22 17.93
O3 PO4 D . 5.72 -40.84 19.78
O4 PO4 D . 7.12 -38.82 19.96
ZN ZN E . 13.15 -16.74 -22.25
#